data_4KSK
#
_entry.id   4KSK
#
_cell.length_a   84.273
_cell.length_b   43.309
_cell.length_c   113.918
_cell.angle_alpha   90.00
_cell.angle_beta   108.28
_cell.angle_gamma   90.00
#
_symmetry.space_group_name_H-M   'P 1 21 1'
#
loop_
_entity.id
_entity.type
_entity.pdbx_description
1 polymer 'Protein FAM105B'
2 polymer Polyubiquitin-C
3 non-polymer 'SULFATE ION'
4 water water
#
loop_
_entity_poly.entity_id
_entity_poly.type
_entity_poly.pdbx_seq_one_letter_code
_entity_poly.pdbx_strand_id
1 'polypeptide(L)'
;GSMYRAADEIEKEKELLIHERGASEPRLSVAPEMDIMDYCKKEWRGNTQKATCMKMGYEEVSQKFTSIRRVRGDNYSALR
ATLFQAMSQAVGLPPWLQDPELMLLPEKLISKYNWIKQWKLGLKFDGKNEDLVDKIKESLTLLRKKWAGLAEMRTAEARQ
IACDELFTNEAEEYSLYEAVKFLMLNRAIELYNDKEKGKEVPFFSVLLFARDTSNDPGQLLRNHLNQVGHTGGLEQVEMF
LLAYAVRHTIQVYRLSKYNTEEFITVYPTDPPKDWPVVTLIAEDDRHYNIPVRVCEETSL
;
A,B
2 'polypeptide(L)' GAMGMQIFVKTLTGKTITLEVEPSDTIENVKAKIQDKEGIPPDQQRLIFAGKQLEDGRTLSDYNIQKESTLHLVLRLRGG C,D
#
loop_
_chem_comp.id
_chem_comp.type
_chem_comp.name
_chem_comp.formula
SO4 non-polymer 'SULFATE ION' 'O4 S -2'
#
# COMPACT_ATOMS: atom_id res chain seq x y z
N PRO A 26 -13.47 -0.87 -1.33
CA PRO A 26 -12.89 -1.39 -2.60
C PRO A 26 -13.07 -0.41 -3.76
N ARG A 27 -12.11 0.50 -3.89
CA ARG A 27 -12.17 1.56 -4.87
C ARG A 27 -11.74 1.11 -6.25
N LEU A 28 -11.49 -0.20 -6.41
CA LEU A 28 -10.85 -0.77 -7.60
C LEU A 28 -11.54 -0.40 -8.89
N SER A 29 -10.74 0.02 -9.87
CA SER A 29 -11.24 0.34 -11.20
C SER A 29 -11.11 -0.87 -12.09
N VAL A 30 -10.37 -1.87 -11.63
CA VAL A 30 -10.20 -3.17 -12.29
C VAL A 30 -10.70 -4.31 -11.36
N ALA A 31 -11.84 -4.93 -11.69
CA ALA A 31 -12.54 -5.80 -10.69
C ALA A 31 -11.72 -6.99 -10.27
N PRO A 32 -11.89 -7.46 -9.00
CA PRO A 32 -11.23 -8.70 -8.66
C PRO A 32 -11.54 -9.71 -9.77
N GLU A 33 -10.56 -10.53 -10.14
CA GLU A 33 -10.79 -11.53 -11.16
C GLU A 33 -11.88 -12.50 -10.77
N MET A 34 -12.61 -12.97 -11.76
CA MET A 34 -13.62 -14.02 -11.51
C MET A 34 -13.57 -14.99 -12.69
N ASP A 35 -14.04 -16.19 -12.51
CA ASP A 35 -14.09 -17.19 -13.56
C ASP A 35 -14.68 -16.63 -14.85
N ILE A 36 -14.07 -16.89 -16.00
CA ILE A 36 -14.53 -16.27 -17.25
C ILE A 36 -15.81 -16.89 -17.88
N MET A 37 -16.04 -18.17 -17.60
CA MET A 37 -17.29 -18.80 -17.96
C MET A 37 -18.41 -18.36 -17.05
N ASP A 38 -18.11 -18.03 -15.79
CA ASP A 38 -19.18 -17.51 -14.94
C ASP A 38 -19.62 -16.16 -15.44
N TYR A 39 -18.62 -15.36 -15.86
CA TYR A 39 -18.83 -14.01 -16.34
C TYR A 39 -19.72 -13.95 -17.56
N CYS A 40 -19.35 -14.70 -18.60
CA CYS A 40 -20.05 -14.74 -19.86
C CYS A 40 -21.50 -15.23 -19.68
N LYS A 41 -21.66 -16.22 -18.82
CA LYS A 41 -22.97 -16.80 -18.53
C LYS A 41 -23.85 -15.83 -17.73
N LYS A 42 -23.23 -15.03 -16.86
CA LYS A 42 -24.03 -13.89 -16.27
C LYS A 42 -24.38 -12.87 -17.38
N GLU A 43 -23.43 -12.58 -18.28
CA GLU A 43 -23.57 -11.50 -19.26
C GLU A 43 -24.47 -11.80 -20.45
N TRP A 44 -24.47 -13.04 -20.87
CA TRP A 44 -25.05 -13.44 -22.14
C TRP A 44 -26.02 -14.62 -21.97
N ARG A 45 -27.33 -14.32 -21.88
CA ARG A 45 -28.37 -15.33 -21.72
C ARG A 45 -29.20 -15.37 -22.99
N GLY A 46 -29.89 -16.48 -23.20
CA GLY A 46 -30.82 -16.60 -24.33
C GLY A 46 -30.09 -17.02 -25.59
N ASN A 47 -30.85 -17.42 -26.61
CA ASN A 47 -30.28 -18.02 -27.82
C ASN A 47 -30.31 -17.12 -29.07
N THR A 48 -30.15 -15.82 -28.91
CA THR A 48 -30.15 -14.97 -30.09
C THR A 48 -28.83 -15.19 -30.76
N GLN A 49 -28.75 -14.91 -32.06
CA GLN A 49 -27.53 -15.07 -32.80
C GLN A 49 -26.38 -14.34 -32.08
N LYS A 50 -26.58 -13.06 -31.76
CA LYS A 50 -25.58 -12.28 -31.08
C LYS A 50 -25.05 -12.96 -29.85
N ALA A 51 -25.94 -13.30 -28.94
CA ALA A 51 -25.58 -13.95 -27.69
C ALA A 51 -24.70 -15.17 -27.98
N THR A 52 -25.16 -16.06 -28.86
CA THR A 52 -24.42 -17.27 -29.26
C THR A 52 -23.03 -16.94 -29.91
N CYS A 53 -22.99 -15.98 -30.82
CA CYS A 53 -21.71 -15.48 -31.25
C CYS A 53 -20.82 -15.19 -30.02
N MET A 54 -21.36 -14.48 -29.03
CA MET A 54 -20.54 -14.02 -27.89
C MET A 54 -20.14 -15.16 -26.98
N LYS A 55 -21.05 -16.06 -26.78
CA LYS A 55 -20.74 -17.28 -26.09
C LYS A 55 -19.55 -17.98 -26.77
N MET A 56 -19.57 -18.12 -28.08
CA MET A 56 -18.44 -18.78 -28.76
C MET A 56 -17.12 -18.02 -28.56
N GLY A 57 -17.16 -16.70 -28.55
CA GLY A 57 -15.98 -15.93 -28.24
C GLY A 57 -15.45 -16.12 -26.83
N TYR A 58 -16.33 -16.16 -25.85
CA TYR A 58 -15.82 -16.39 -24.50
C TYR A 58 -15.18 -17.80 -24.42
N GLU A 59 -15.79 -18.78 -25.11
CA GLU A 59 -15.23 -20.11 -25.16
C GLU A 59 -13.80 -20.12 -25.71
N GLU A 60 -13.56 -19.34 -26.76
CA GLU A 60 -12.27 -19.22 -27.36
C GLU A 60 -11.20 -18.70 -26.40
N VAL A 61 -11.52 -17.62 -25.69
CA VAL A 61 -10.60 -17.00 -24.71
C VAL A 61 -10.24 -17.99 -23.59
N SER A 62 -11.28 -18.62 -23.04
CA SER A 62 -11.11 -19.50 -21.90
C SER A 62 -10.30 -20.77 -22.24
N GLN A 63 -10.11 -21.08 -23.53
CA GLN A 63 -9.17 -22.17 -23.92
C GLN A 63 -7.79 -21.86 -23.42
N LYS A 64 -7.43 -20.57 -23.34
CA LYS A 64 -6.09 -20.13 -22.91
C LYS A 64 -6.14 -19.36 -21.57
N PHE A 65 -7.28 -18.73 -21.26
CA PHE A 65 -7.40 -17.90 -20.06
C PHE A 65 -8.62 -18.28 -19.23
N THR A 66 -8.44 -18.67 -17.97
CA THR A 66 -9.59 -19.08 -17.19
C THR A 66 -10.36 -17.95 -16.47
N SER A 67 -9.71 -16.81 -16.19
CA SER A 67 -10.37 -15.73 -15.38
C SER A 67 -10.37 -14.41 -16.09
N ILE A 68 -11.24 -13.51 -15.64
CA ILE A 68 -11.32 -12.20 -16.26
C ILE A 68 -11.33 -11.13 -15.20
N ARG A 69 -10.76 -9.96 -15.51
CA ARG A 69 -10.88 -8.78 -14.65
C ARG A 69 -11.63 -7.71 -15.39
N ARG A 70 -12.70 -7.26 -14.76
CA ARG A 70 -13.54 -6.28 -15.38
C ARG A 70 -13.00 -4.85 -15.17
N VAL A 71 -12.85 -4.20 -16.30
CA VAL A 71 -12.24 -2.92 -16.40
C VAL A 71 -13.31 -1.82 -16.49
N ARG A 72 -13.19 -0.82 -15.66
CA ARG A 72 -14.15 0.23 -15.67
C ARG A 72 -14.47 0.66 -17.13
N GLY A 73 -15.75 0.57 -17.49
CA GLY A 73 -16.29 1.08 -18.75
C GLY A 73 -16.40 2.59 -18.98
N ASP A 74 -15.36 3.33 -18.64
CA ASP A 74 -15.36 4.75 -18.97
C ASP A 74 -14.53 5.04 -20.27
N ASN A 75 -14.28 6.30 -20.56
CA ASN A 75 -13.58 6.64 -21.79
C ASN A 75 -12.08 6.29 -21.76
N TYR A 76 -11.56 5.93 -20.57
CA TYR A 76 -10.17 5.46 -20.41
C TYR A 76 -10.00 3.93 -20.52
N SER A 77 -11.06 3.19 -20.88
CA SER A 77 -11.01 1.72 -20.86
C SER A 77 -9.77 1.14 -21.62
N ALA A 78 -9.54 1.56 -22.85
CA ALA A 78 -8.37 1.11 -23.64
C ALA A 78 -7.10 1.19 -22.86
N LEU A 79 -6.91 2.35 -22.22
CA LEU A 79 -5.69 2.72 -21.45
C LEU A 79 -5.59 2.06 -20.09
N ARG A 80 -6.69 2.04 -19.37
CA ARG A 80 -6.77 1.26 -18.15
C ARG A 80 -6.40 -0.21 -18.38
N ALA A 81 -7.08 -0.87 -19.30
CA ALA A 81 -6.84 -2.35 -19.53
C ALA A 81 -5.36 -2.58 -19.93
N THR A 82 -4.83 -1.68 -20.79
CA THR A 82 -3.41 -1.82 -21.31
C THR A 82 -2.37 -1.59 -20.25
N LEU A 83 -2.54 -0.51 -19.50
CA LEU A 83 -1.58 -0.11 -18.48
C LEU A 83 -1.62 -1.05 -17.30
N PHE A 84 -2.84 -1.45 -16.87
CA PHE A 84 -2.94 -2.42 -15.79
C PHE A 84 -2.26 -3.74 -16.18
N GLN A 85 -2.59 -4.32 -17.33
CA GLN A 85 -1.84 -5.56 -17.76
C GLN A 85 -0.33 -5.33 -17.92
N ALA A 86 0.05 -4.29 -18.66
CA ALA A 86 1.49 -4.03 -18.87
C ALA A 86 2.22 -3.96 -17.55
N MET A 87 1.60 -3.31 -16.57
CA MET A 87 2.27 -3.05 -15.29
C MET A 87 2.26 -4.18 -14.30
N SER A 88 1.20 -4.98 -14.30
CA SER A 88 1.11 -6.13 -13.40
C SER A 88 1.93 -7.33 -13.91
N GLN A 89 2.40 -7.26 -15.14
CA GLN A 89 3.27 -8.32 -15.63
C GLN A 89 4.70 -7.87 -15.77
N ALA A 90 4.97 -6.65 -15.32
CA ALA A 90 6.32 -6.07 -15.38
C ALA A 90 7.35 -6.85 -14.54
N VAL A 91 8.32 -7.48 -15.19
CA VAL A 91 9.47 -8.10 -14.47
C VAL A 91 10.74 -7.21 -14.46
N GLY A 92 10.72 -6.18 -15.31
CA GLY A 92 11.83 -5.24 -15.39
C GLY A 92 11.26 -3.96 -15.95
N LEU A 93 12.00 -2.88 -15.84
CA LEU A 93 11.58 -1.62 -16.37
C LEU A 93 12.02 -1.56 -17.84
N PRO A 94 11.08 -1.35 -18.79
CA PRO A 94 11.43 -1.14 -20.21
C PRO A 94 12.41 0.01 -20.39
N PRO A 95 13.36 -0.13 -21.32
CA PRO A 95 14.41 0.87 -21.48
C PRO A 95 13.86 2.27 -21.80
N TRP A 96 12.76 2.36 -22.56
CA TRP A 96 12.25 3.68 -22.93
C TRP A 96 11.84 4.47 -21.69
N LEU A 97 11.59 3.76 -20.60
CA LEU A 97 11.11 4.38 -19.36
C LEU A 97 12.26 4.62 -18.41
N GLN A 98 13.29 3.77 -18.53
CA GLN A 98 14.53 3.86 -17.75
C GLN A 98 15.41 5.03 -18.22
N ASP A 99 15.27 5.37 -19.51
CA ASP A 99 15.99 6.44 -20.14
C ASP A 99 15.72 7.73 -19.33
N PRO A 100 16.75 8.30 -18.69
CA PRO A 100 16.49 9.47 -17.87
C PRO A 100 16.04 10.67 -18.72
N GLU A 101 16.55 10.74 -19.96
CA GLU A 101 16.13 11.74 -20.95
C GLU A 101 14.62 11.86 -21.14
N LEU A 102 13.88 10.81 -20.80
CA LEU A 102 12.43 10.84 -20.92
C LEU A 102 11.83 11.91 -19.98
N MET A 103 12.47 12.12 -18.83
CA MET A 103 11.95 13.10 -17.88
C MET A 103 12.03 14.51 -18.44
N LEU A 104 13.09 14.80 -19.21
CA LEU A 104 13.31 16.12 -19.85
C LEU A 104 12.51 16.37 -21.14
N LEU A 105 11.61 15.44 -21.48
CA LEU A 105 10.93 15.50 -22.76
C LEU A 105 9.78 16.55 -22.76
N PRO A 106 9.02 16.68 -21.64
CA PRO A 106 8.03 17.75 -21.49
C PRO A 106 8.55 19.13 -21.87
N GLU A 107 9.60 19.59 -21.18
CA GLU A 107 10.32 20.84 -21.55
C GLU A 107 10.75 20.89 -23.01
N LYS A 108 11.37 19.84 -23.52
CA LYS A 108 11.85 19.87 -24.90
C LYS A 108 10.72 20.06 -25.93
N LEU A 109 9.66 19.28 -25.82
CA LEU A 109 8.56 19.40 -26.76
C LEU A 109 7.80 20.71 -26.63
N ILE A 110 7.50 21.10 -25.39
CA ILE A 110 6.72 22.31 -25.12
C ILE A 110 7.48 23.56 -25.56
N SER A 111 8.78 23.67 -25.23
CA SER A 111 9.64 24.76 -25.77
C SER A 111 9.61 24.82 -27.30
N LYS A 112 9.56 23.66 -27.94
CA LYS A 112 9.55 23.63 -29.40
C LYS A 112 8.20 24.03 -29.98
N TYR A 113 7.15 23.42 -29.43
CA TYR A 113 5.83 23.44 -30.00
C TYR A 113 4.88 23.99 -28.98
N ASN A 114 5.04 25.28 -28.70
CA ASN A 114 4.24 25.96 -27.72
C ASN A 114 2.75 25.63 -27.79
N TRP A 115 2.29 25.26 -28.98
CA TRP A 115 0.91 24.81 -29.14
C TRP A 115 0.45 23.69 -28.16
N ILE A 116 1.41 22.96 -27.58
CA ILE A 116 1.11 21.83 -26.67
C ILE A 116 0.43 22.29 -25.37
N LYS A 117 0.54 23.58 -25.04
CA LYS A 117 -0.13 24.15 -23.83
C LYS A 117 -1.67 24.05 -23.88
N GLN A 118 -2.18 23.61 -25.03
CA GLN A 118 -3.61 23.41 -25.21
C GLN A 118 -4.04 22.07 -24.65
N TRP A 119 -3.10 21.37 -24.05
CA TRP A 119 -3.37 20.10 -23.39
C TRP A 119 -4.53 20.25 -22.41
N LYS A 120 -5.43 19.27 -22.35
CA LYS A 120 -6.50 19.32 -21.38
C LYS A 120 -6.25 18.33 -20.23
N LEU A 121 -6.09 18.86 -19.03
CA LEU A 121 -6.01 18.06 -17.82
C LEU A 121 -7.41 17.77 -17.26
N ASP A 131 4.15 25.36 -16.19
CA ASP A 131 3.41 24.65 -15.16
C ASP A 131 2.84 23.38 -15.80
N LEU A 132 2.47 23.47 -17.08
CA LEU A 132 2.17 22.26 -17.85
C LEU A 132 3.38 21.32 -17.96
N VAL A 133 4.59 21.87 -18.12
CA VAL A 133 5.84 21.09 -18.10
C VAL A 133 5.86 20.31 -16.82
N ASP A 134 5.52 21.00 -15.74
CA ASP A 134 5.68 20.52 -14.39
C ASP A 134 4.72 19.36 -14.13
N LYS A 135 3.45 19.50 -14.50
CA LYS A 135 2.47 18.41 -14.23
C LYS A 135 2.66 17.20 -15.14
N ILE A 136 2.82 17.43 -16.43
CA ILE A 136 3.24 16.37 -17.34
C ILE A 136 4.53 15.68 -16.83
N LYS A 137 5.47 16.49 -16.32
CA LYS A 137 6.70 15.93 -15.73
C LYS A 137 6.43 15.08 -14.51
N GLU A 138 5.53 15.50 -13.62
CA GLU A 138 5.15 14.66 -12.48
C GLU A 138 4.53 13.34 -12.89
N SER A 139 3.88 13.32 -14.05
CA SER A 139 3.11 12.17 -14.46
C SER A 139 4.01 11.06 -14.97
N LEU A 140 5.00 11.43 -15.81
CA LEU A 140 6.02 10.49 -16.28
C LEU A 140 6.80 9.96 -15.09
N THR A 141 7.29 10.88 -14.23
CA THR A 141 7.96 10.54 -12.97
C THR A 141 7.20 9.50 -12.20
N LEU A 142 5.88 9.67 -12.15
CA LEU A 142 5.02 8.72 -11.43
C LEU A 142 4.95 7.38 -12.15
N LEU A 143 4.73 7.42 -13.47
CA LEU A 143 4.71 6.22 -14.29
C LEU A 143 5.96 5.35 -14.10
N ARG A 144 7.16 5.97 -14.18
CA ARG A 144 8.45 5.30 -13.90
C ARG A 144 8.63 4.71 -12.50
N LYS A 145 8.39 5.51 -11.44
CA LYS A 145 8.48 5.01 -10.07
C LYS A 145 7.56 3.82 -9.82
N LYS A 146 6.34 3.86 -10.38
CA LYS A 146 5.39 2.79 -10.17
C LYS A 146 5.71 1.54 -11.02
N TRP A 147 6.01 1.73 -12.31
CA TRP A 147 6.53 0.67 -13.16
C TRP A 147 7.78 -0.01 -12.57
N ALA A 148 8.66 0.79 -11.93
CA ALA A 148 9.91 0.32 -11.32
C ALA A 148 9.69 -0.36 -9.98
N GLY A 149 8.77 0.18 -9.20
CA GLY A 149 8.30 -0.50 -7.99
C GLY A 149 7.78 -1.90 -8.28
N LEU A 150 6.94 -2.03 -9.31
CA LEU A 150 6.33 -3.32 -9.67
C LEU A 150 7.31 -4.35 -10.20
N ALA A 151 8.21 -3.90 -11.08
CA ALA A 151 9.20 -4.77 -11.73
C ALA A 151 10.24 -5.32 -10.77
N GLU A 152 10.19 -4.87 -9.52
CA GLU A 152 11.19 -5.28 -8.51
C GLU A 152 10.63 -6.38 -7.60
N MET A 153 9.33 -6.65 -7.76
CA MET A 153 8.62 -7.61 -6.92
C MET A 153 8.81 -9.07 -7.35
N ARG A 154 9.10 -9.92 -6.37
CA ARG A 154 9.21 -11.36 -6.59
C ARG A 154 7.84 -12.04 -6.73
N THR A 155 7.06 -12.00 -5.65
CA THR A 155 5.75 -12.66 -5.58
C THR A 155 4.75 -12.10 -6.56
N ALA A 156 3.86 -12.96 -7.04
CA ALA A 156 2.67 -12.53 -7.80
C ALA A 156 1.75 -11.73 -6.87
N GLU A 157 1.18 -12.41 -5.88
CA GLU A 157 0.40 -11.77 -4.80
C GLU A 157 0.84 -10.35 -4.47
N ALA A 158 2.15 -10.11 -4.45
CA ALA A 158 2.71 -8.78 -4.14
C ALA A 158 2.50 -7.79 -5.28
N ARG A 159 2.79 -8.23 -6.50
CA ARG A 159 2.61 -7.37 -7.65
C ARG A 159 1.14 -7.02 -7.79
N GLN A 160 0.28 -8.01 -7.64
CA GLN A 160 -1.17 -7.78 -7.76
C GLN A 160 -1.78 -6.92 -6.64
N ILE A 161 -1.38 -7.12 -5.39
CA ILE A 161 -1.75 -6.20 -4.32
C ILE A 161 -1.35 -4.77 -4.66
N ALA A 162 -0.11 -4.58 -5.15
CA ALA A 162 0.38 -3.25 -5.47
C ALA A 162 -0.25 -2.66 -6.72
N CYS A 163 -0.65 -3.53 -7.66
CA CYS A 163 -1.28 -3.06 -8.87
C CYS A 163 -2.72 -2.63 -8.51
N ASP A 164 -3.46 -3.51 -7.84
CA ASP A 164 -4.79 -3.20 -7.29
C ASP A 164 -4.85 -1.88 -6.54
N GLU A 165 -3.80 -1.57 -5.78
CA GLU A 165 -3.78 -0.35 -4.98
C GLU A 165 -3.37 0.93 -5.74
N LEU A 166 -3.01 0.78 -7.00
CA LEU A 166 -2.74 1.93 -7.86
C LEU A 166 -3.95 2.24 -8.75
N PHE A 167 -4.82 1.25 -8.94
CA PHE A 167 -5.94 1.41 -9.84
C PHE A 167 -7.24 1.46 -9.03
N THR A 168 -7.34 2.52 -8.22
CA THR A 168 -8.48 2.74 -7.32
C THR A 168 -9.24 4.03 -7.64
N ASN A 169 -9.22 4.43 -8.92
CA ASN A 169 -9.94 5.63 -9.36
C ASN A 169 -9.46 6.96 -8.72
N GLU A 170 -8.21 7.01 -8.26
CA GLU A 170 -7.70 8.18 -7.54
C GLU A 170 -6.82 9.03 -8.47
N ALA A 171 -6.23 10.09 -7.92
CA ALA A 171 -5.46 11.01 -8.75
C ALA A 171 -4.32 10.31 -9.50
N GLU A 172 -3.68 9.35 -8.85
CA GLU A 172 -2.50 8.69 -9.41
C GLU A 172 -2.81 7.91 -10.65
N GLU A 173 -3.92 7.18 -10.61
CA GLU A 173 -4.37 6.41 -11.75
C GLU A 173 -4.50 7.32 -12.97
N TYR A 174 -5.25 8.41 -12.87
CA TYR A 174 -5.52 9.31 -14.01
C TYR A 174 -4.29 10.19 -14.40
N SER A 175 -3.32 10.30 -13.49
CA SER A 175 -2.03 10.95 -13.80
C SER A 175 -1.24 10.03 -14.73
N LEU A 176 -1.32 8.71 -14.48
CA LEU A 176 -0.70 7.71 -15.37
C LEU A 176 -1.25 7.79 -16.81
N TYR A 177 -2.55 7.95 -17.00
CA TYR A 177 -3.09 8.12 -18.36
C TYR A 177 -2.61 9.41 -19.06
N GLU A 178 -2.38 10.44 -18.26
CA GLU A 178 -1.91 11.70 -18.71
C GLU A 178 -0.50 11.50 -19.28
N ALA A 179 0.31 10.72 -18.57
CA ALA A 179 1.63 10.28 -19.04
C ALA A 179 1.58 9.43 -20.32
N VAL A 180 0.77 8.37 -20.31
CA VAL A 180 0.63 7.54 -21.48
C VAL A 180 0.17 8.40 -22.68
N LYS A 181 -0.87 9.20 -22.52
CA LYS A 181 -1.33 10.13 -23.59
C LYS A 181 -0.25 11.10 -24.10
N PHE A 182 0.58 11.60 -23.18
CA PHE A 182 1.70 12.51 -23.55
C PHE A 182 2.74 11.80 -24.40
N LEU A 183 3.16 10.63 -23.90
CA LEU A 183 3.86 9.59 -24.70
C LEU A 183 3.27 9.36 -26.06
N MET A 184 1.94 9.33 -26.15
CA MET A 184 1.32 9.15 -27.47
C MET A 184 1.46 10.31 -28.46
N LEU A 185 1.23 11.54 -27.98
CA LEU A 185 1.56 12.77 -28.71
C LEU A 185 3.03 12.82 -29.21
N ASN A 186 3.99 12.65 -28.29
CA ASN A 186 5.40 12.56 -28.65
C ASN A 186 5.61 11.61 -29.81
N ARG A 187 5.13 10.37 -29.67
CA ARG A 187 5.36 9.37 -30.72
C ARG A 187 4.71 9.81 -32.02
N ALA A 188 3.52 10.38 -31.92
CA ALA A 188 2.87 10.90 -33.12
C ALA A 188 3.62 12.09 -33.76
N ILE A 189 4.30 12.90 -32.95
CA ILE A 189 5.06 14.05 -33.47
C ILE A 189 6.29 13.59 -34.25
N GLU A 190 7.00 12.64 -33.66
CA GLU A 190 8.16 12.03 -34.27
C GLU A 190 7.79 11.41 -35.61
N LEU A 191 6.63 10.72 -35.68
CA LEU A 191 6.31 10.01 -36.93
C LEU A 191 5.92 10.98 -38.03
N TYR A 192 5.30 12.07 -37.63
CA TYR A 192 4.86 13.09 -38.54
C TYR A 192 6.09 13.71 -39.14
N ASN A 193 7.11 13.94 -38.30
CA ASN A 193 8.33 14.54 -38.77
C ASN A 193 9.14 13.60 -39.68
N ASP A 194 9.21 12.33 -39.31
CA ASP A 194 9.85 11.31 -40.13
C ASP A 194 9.27 11.21 -41.51
N LYS A 195 7.94 11.34 -41.60
CA LYS A 195 7.22 11.18 -42.87
C LYS A 195 7.25 12.45 -43.74
N GLU A 196 7.52 13.61 -43.17
CA GLU A 196 7.67 14.83 -44.00
C GLU A 196 9.05 14.82 -44.68
N LYS A 197 10.03 14.26 -43.96
CA LYS A 197 11.41 14.15 -44.45
C LYS A 197 11.60 12.87 -45.28
N GLY A 198 10.52 12.12 -45.50
CA GLY A 198 10.54 11.00 -46.42
C GLY A 198 11.02 9.66 -45.84
N LYS A 199 11.16 9.61 -44.52
CA LYS A 199 11.73 8.44 -43.86
C LYS A 199 10.71 7.33 -43.58
N GLU A 200 11.21 6.22 -43.10
CA GLU A 200 10.45 5.00 -42.96
C GLU A 200 9.51 5.17 -41.79
N VAL A 201 8.21 5.10 -42.06
CA VAL A 201 7.16 5.24 -41.04
C VAL A 201 6.18 4.09 -41.17
N PRO A 202 5.77 3.53 -40.01
CA PRO A 202 4.76 2.45 -40.03
C PRO A 202 3.49 3.01 -40.70
N PHE A 203 2.89 2.22 -41.60
CA PHE A 203 1.73 2.68 -42.36
C PHE A 203 0.55 3.32 -41.59
N PHE A 204 0.32 2.84 -40.37
CA PHE A 204 -0.79 3.29 -39.58
C PHE A 204 -0.75 4.81 -39.35
N SER A 205 0.46 5.38 -39.43
CA SER A 205 0.69 6.78 -39.04
C SER A 205 0.36 7.72 -40.19
N VAL A 206 0.60 7.23 -41.42
CA VAL A 206 -0.03 7.74 -42.62
C VAL A 206 -1.55 7.96 -42.45
N LEU A 207 -2.25 6.87 -42.11
CA LEU A 207 -3.70 6.84 -41.96
C LEU A 207 -4.14 7.63 -40.74
N LEU A 208 -3.29 7.68 -39.74
CA LEU A 208 -3.56 8.50 -38.56
C LEU A 208 -3.67 10.02 -38.87
N PHE A 209 -2.81 10.54 -39.75
CA PHE A 209 -2.81 11.94 -40.26
C PHE A 209 -3.53 12.20 -41.62
N ALA A 210 -4.03 11.17 -42.29
CA ALA A 210 -4.98 11.36 -43.37
C ALA A 210 -6.42 11.71 -42.88
N ARG A 211 -6.69 11.55 -41.60
CA ARG A 211 -7.98 11.89 -41.03
C ARG A 211 -8.27 13.39 -41.00
N ASP A 212 -9.39 13.77 -41.61
CA ASP A 212 -9.84 15.19 -41.74
C ASP A 212 -9.48 16.09 -40.57
N THR A 213 -9.61 15.55 -39.36
CA THR A 213 -9.54 16.32 -38.12
C THR A 213 -8.30 15.91 -37.34
N SER A 214 -7.36 15.24 -37.99
CA SER A 214 -6.08 14.92 -37.38
C SER A 214 -4.90 15.03 -38.36
N ASN A 215 -4.92 16.04 -39.21
CA ASN A 215 -3.91 16.19 -40.26
C ASN A 215 -2.49 16.48 -39.76
N ASP A 216 -2.38 17.12 -38.59
CA ASP A 216 -1.11 17.45 -37.94
C ASP A 216 -1.20 17.15 -36.44
N PRO A 217 -0.05 17.15 -35.72
CA PRO A 217 -0.07 16.84 -34.29
C PRO A 217 -0.91 17.77 -33.43
N GLY A 218 -1.10 19.00 -33.89
CA GLY A 218 -1.94 19.97 -33.21
C GLY A 218 -3.42 19.57 -33.22
N GLN A 219 -3.90 19.22 -34.43
CA GLN A 219 -5.24 18.75 -34.65
C GLN A 219 -5.46 17.42 -33.94
N LEU A 220 -4.40 16.61 -33.89
CA LEU A 220 -4.49 15.35 -33.21
C LEU A 220 -4.73 15.61 -31.70
N LEU A 221 -3.91 16.43 -31.07
CA LEU A 221 -4.13 16.81 -29.65
C LEU A 221 -5.50 17.52 -29.36
N ARG A 222 -5.86 18.48 -30.20
CA ARG A 222 -7.07 19.27 -29.96
C ARG A 222 -8.33 18.45 -30.17
N ASN A 223 -8.29 17.59 -31.19
CA ASN A 223 -9.48 16.94 -31.66
C ASN A 223 -9.56 15.46 -31.24
N HIS A 224 -8.45 14.91 -30.77
CA HIS A 224 -8.43 13.49 -30.41
C HIS A 224 -7.83 13.15 -29.08
N LEU A 225 -6.58 13.50 -28.87
CA LEU A 225 -5.93 13.19 -27.60
C LEU A 225 -6.60 13.86 -26.42
N ASN A 226 -7.02 15.12 -26.57
CA ASN A 226 -7.73 15.85 -25.48
C ASN A 226 -9.09 15.20 -25.10
N GLN A 227 -9.75 14.61 -26.08
CA GLN A 227 -11.09 14.05 -25.90
C GLN A 227 -11.00 12.73 -25.18
N VAL A 228 -9.86 12.03 -25.41
CA VAL A 228 -9.62 10.73 -24.85
C VAL A 228 -9.66 10.81 -23.34
N GLY A 229 -10.53 9.94 -22.76
CA GLY A 229 -10.82 9.87 -21.30
C GLY A 229 -11.87 10.88 -20.82
N HIS A 230 -12.32 11.75 -21.73
CA HIS A 230 -13.37 12.71 -21.40
C HIS A 230 -14.64 12.55 -22.21
N THR A 231 -14.52 12.39 -23.51
CA THR A 231 -15.67 12.20 -24.38
C THR A 231 -15.57 10.98 -25.30
N GLY A 232 -14.39 10.36 -25.36
CA GLY A 232 -14.22 9.15 -26.14
C GLY A 232 -12.97 8.40 -25.77
N GLY A 233 -12.91 7.14 -26.21
CA GLY A 233 -11.72 6.33 -26.08
C GLY A 233 -10.92 6.39 -27.37
N LEU A 234 -10.05 5.42 -27.56
CA LEU A 234 -9.10 5.42 -28.66
C LEU A 234 -9.72 4.82 -29.93
N GLU A 235 -9.65 5.52 -31.08
CA GLU A 235 -9.98 4.89 -32.36
C GLU A 235 -9.05 3.66 -32.52
N GLN A 236 -9.35 2.79 -33.48
CA GLN A 236 -8.44 1.66 -33.72
C GLN A 236 -7.07 2.14 -34.18
N VAL A 237 -7.03 3.23 -34.98
CA VAL A 237 -5.76 3.78 -35.45
C VAL A 237 -4.85 4.27 -34.30
N GLU A 238 -5.49 4.69 -33.21
CA GLU A 238 -4.81 5.20 -32.03
C GLU A 238 -4.40 4.10 -31.05
N MET A 239 -5.05 2.94 -31.12
CA MET A 239 -4.49 1.70 -30.53
C MET A 239 -3.09 1.35 -31.13
N PHE A 240 -2.89 1.54 -32.45
CA PHE A 240 -1.52 1.47 -33.02
C PHE A 240 -0.62 2.44 -32.31
N LEU A 241 -1.09 3.68 -32.22
CA LEU A 241 -0.37 4.76 -31.59
C LEU A 241 -0.09 4.46 -30.14
N LEU A 242 -1.11 4.00 -29.38
CA LEU A 242 -0.85 3.58 -28.01
C LEU A 242 0.25 2.53 -27.93
N ALA A 243 0.15 1.46 -28.73
CA ALA A 243 1.19 0.44 -28.82
C ALA A 243 2.63 0.96 -29.14
N TYR A 244 2.75 1.93 -30.04
CA TYR A 244 4.07 2.46 -30.32
C TYR A 244 4.62 3.27 -29.17
N ALA A 245 3.71 4.00 -28.50
CA ALA A 245 4.09 4.83 -27.37
C ALA A 245 4.62 4.04 -26.15
N VAL A 246 3.94 2.96 -25.75
CA VAL A 246 4.43 2.22 -24.60
C VAL A 246 5.29 1.02 -24.99
N ARG A 247 5.56 0.88 -26.30
CA ARG A 247 6.23 -0.33 -26.84
C ARG A 247 5.75 -1.68 -26.24
N HIS A 248 4.46 -1.94 -26.45
CA HIS A 248 3.79 -3.16 -26.04
C HIS A 248 2.91 -3.56 -27.23
N THR A 249 3.05 -4.81 -27.65
CA THR A 249 2.12 -5.41 -28.60
C THR A 249 0.79 -5.71 -27.90
N ILE A 250 -0.30 -5.21 -28.48
CA ILE A 250 -1.62 -5.36 -27.89
C ILE A 250 -2.41 -6.41 -28.70
N GLN A 251 -2.59 -7.60 -28.09
CA GLN A 251 -3.35 -8.69 -28.69
C GLN A 251 -4.79 -8.79 -28.12
N VAL A 252 -5.77 -8.50 -28.96
CA VAL A 252 -7.12 -8.29 -28.54
C VAL A 252 -8.04 -9.36 -29.14
N TYR A 253 -8.74 -10.08 -28.28
CA TYR A 253 -9.92 -10.85 -28.78
C TYR A 253 -11.06 -9.85 -28.94
N ARG A 254 -11.43 -9.64 -30.19
CA ARG A 254 -12.56 -8.81 -30.54
C ARG A 254 -13.73 -9.77 -30.79
N LEU A 255 -14.46 -10.02 -29.71
CA LEU A 255 -15.55 -10.95 -29.66
C LEU A 255 -16.62 -10.69 -30.70
N SER A 256 -16.90 -9.43 -31.05
CA SER A 256 -17.98 -9.17 -32.04
C SER A 256 -17.52 -9.41 -33.50
N LYS A 257 -16.25 -9.72 -33.65
CA LYS A 257 -15.69 -10.22 -34.91
C LYS A 257 -15.42 -11.74 -34.88
N TYR A 258 -16.09 -12.50 -34.03
CA TYR A 258 -15.71 -13.93 -33.87
C TYR A 258 -15.60 -14.83 -35.16
N ASN A 259 -16.54 -14.64 -36.08
CA ASN A 259 -16.56 -15.46 -37.29
C ASN A 259 -15.86 -14.80 -38.47
N THR A 260 -14.83 -14.06 -38.14
CA THR A 260 -14.05 -13.44 -39.15
C THR A 260 -12.59 -13.59 -38.76
N GLU A 261 -11.71 -13.18 -39.65
CA GLU A 261 -10.31 -13.27 -39.37
C GLU A 261 -9.80 -12.27 -38.34
N GLU A 262 -10.61 -11.27 -37.99
CA GLU A 262 -10.21 -10.31 -36.98
C GLU A 262 -10.63 -10.71 -35.56
N PHE A 263 -11.06 -11.98 -35.34
CA PHE A 263 -11.48 -12.51 -34.06
C PHE A 263 -10.39 -12.30 -33.05
N ILE A 264 -9.13 -12.40 -33.48
CA ILE A 264 -8.05 -11.81 -32.70
C ILE A 264 -7.51 -10.71 -33.57
N THR A 265 -7.46 -9.51 -33.03
CA THR A 265 -6.75 -8.45 -33.72
C THR A 265 -5.54 -8.04 -32.90
N VAL A 266 -4.37 -8.12 -33.50
CA VAL A 266 -3.09 -7.60 -32.97
C VAL A 266 -2.74 -6.16 -33.47
N TYR A 267 -2.45 -5.28 -32.49
CA TYR A 267 -2.00 -3.86 -32.70
C TYR A 267 -0.60 -3.69 -32.14
N PRO A 268 0.38 -3.39 -33.01
CA PRO A 268 0.24 -3.28 -34.44
C PRO A 268 0.44 -4.63 -35.15
N THR A 269 -0.01 -4.73 -36.39
CA THR A 269 -0.11 -5.99 -37.08
C THR A 269 1.17 -6.79 -37.06
N ASP A 270 2.30 -6.07 -37.13
CA ASP A 270 3.60 -6.70 -37.26
C ASP A 270 4.70 -6.01 -36.43
N PRO A 271 4.68 -6.19 -35.10
CA PRO A 271 5.50 -5.38 -34.19
C PRO A 271 6.89 -5.95 -34.04
N PRO A 272 7.82 -5.21 -33.41
CA PRO A 272 9.10 -5.83 -33.16
C PRO A 272 8.99 -7.04 -32.22
N LYS A 273 9.83 -8.02 -32.44
CA LYS A 273 9.74 -9.33 -31.77
C LYS A 273 9.99 -9.22 -30.27
N ASP A 274 10.61 -8.12 -29.86
CA ASP A 274 10.97 -7.95 -28.45
C ASP A 274 9.98 -7.17 -27.53
N TRP A 275 8.92 -6.60 -28.10
CA TRP A 275 7.97 -5.78 -27.29
C TRP A 275 7.16 -6.73 -26.45
N PRO A 276 6.98 -6.45 -25.15
CA PRO A 276 6.15 -7.44 -24.43
C PRO A 276 4.73 -7.41 -24.94
N VAL A 277 3.99 -8.48 -24.68
CA VAL A 277 2.61 -8.68 -25.16
C VAL A 277 1.59 -8.54 -24.04
N VAL A 278 0.55 -7.73 -24.29
CA VAL A 278 -0.59 -7.61 -23.39
C VAL A 278 -1.79 -8.15 -24.13
N THR A 279 -2.52 -9.06 -23.48
CA THR A 279 -3.71 -9.64 -24.10
C THR A 279 -4.97 -9.03 -23.47
N LEU A 280 -5.88 -8.56 -24.34
CA LEU A 280 -7.13 -7.98 -23.93
C LEU A 280 -8.33 -8.70 -24.62
N ILE A 281 -9.50 -8.62 -23.98
CA ILE A 281 -10.76 -9.00 -24.63
C ILE A 281 -11.58 -7.74 -24.81
N ALA A 282 -12.41 -7.74 -25.85
CA ALA A 282 -13.30 -6.57 -26.05
C ALA A 282 -14.61 -6.93 -26.69
N GLU A 283 -15.72 -6.61 -26.07
CA GLU A 283 -16.99 -6.84 -26.76
C GLU A 283 -17.25 -5.89 -27.93
N ASP A 284 -16.67 -4.68 -27.88
CA ASP A 284 -16.72 -3.73 -28.95
C ASP A 284 -15.46 -2.80 -28.83
N ASP A 285 -15.19 -1.88 -29.77
CA ASP A 285 -13.85 -1.21 -29.75
C ASP A 285 -13.76 -0.05 -28.73
N ARG A 286 -14.83 0.14 -27.93
CA ARG A 286 -14.84 1.13 -26.83
C ARG A 286 -14.72 0.50 -25.46
N HIS A 287 -14.61 -0.83 -25.37
CA HIS A 287 -14.62 -1.46 -24.04
C HIS A 287 -13.70 -2.65 -23.97
N TYR A 288 -12.88 -2.72 -22.93
CA TYR A 288 -11.84 -3.75 -22.90
C TYR A 288 -11.68 -4.27 -21.51
N ASN A 289 -11.49 -5.58 -21.41
CA ASN A 289 -11.28 -6.22 -20.12
C ASN A 289 -10.03 -7.09 -20.21
N ILE A 290 -9.60 -7.61 -19.07
CA ILE A 290 -8.41 -8.40 -18.95
C ILE A 290 -8.73 -9.88 -18.64
N PRO A 291 -8.36 -10.79 -19.57
CA PRO A 291 -8.36 -12.23 -19.28
C PRO A 291 -7.13 -12.56 -18.45
N VAL A 292 -7.18 -13.63 -17.63
CA VAL A 292 -6.15 -13.91 -16.64
C VAL A 292 -5.74 -15.38 -16.58
N ARG A 293 -4.47 -15.60 -16.92
CA ARG A 293 -3.67 -16.81 -16.64
C ARG A 293 -2.55 -16.89 -17.68
N VAL A 294 -2.71 -17.69 -18.74
CA VAL A 294 -1.68 -17.76 -19.83
C VAL A 294 -1.20 -16.39 -20.35
N PRO B 26 -4.14 23.70 18.93
CA PRO B 26 -3.09 22.89 19.58
C PRO B 26 -3.60 22.28 20.89
N ARG B 27 -4.26 21.14 20.73
CA ARG B 27 -4.96 20.42 21.77
C ARG B 27 -4.26 19.08 21.98
N LEU B 28 -3.13 18.93 21.28
CA LEU B 28 -2.32 17.73 21.19
C LEU B 28 -1.77 17.18 22.49
N SER B 29 -1.81 15.87 22.65
CA SER B 29 -1.25 15.25 23.84
C SER B 29 0.16 14.69 23.60
N VAL B 30 0.56 14.68 22.32
CA VAL B 30 1.90 14.36 21.87
C VAL B 30 2.33 15.58 21.03
N ALA B 31 3.29 16.31 21.57
CA ALA B 31 3.69 17.65 21.10
C ALA B 31 4.33 17.62 19.73
N PRO B 32 4.06 18.65 18.91
CA PRO B 32 4.68 18.73 17.57
C PRO B 32 6.23 18.54 17.65
N GLU B 33 6.79 17.94 16.61
CA GLU B 33 8.24 17.59 16.65
C GLU B 33 9.14 18.78 16.68
N MET B 34 10.22 18.65 17.42
CA MET B 34 11.28 19.66 17.49
C MET B 34 12.62 18.93 17.46
N ASP B 35 13.65 19.63 17.04
CA ASP B 35 15.00 19.11 16.95
C ASP B 35 15.43 18.63 18.32
N ILE B 36 15.98 17.42 18.35
CA ILE B 36 16.27 16.69 19.56
C ILE B 36 17.52 17.20 20.30
N MET B 37 18.51 17.70 19.56
CA MET B 37 19.68 18.38 20.15
C MET B 37 19.23 19.66 20.86
N ASP B 38 18.39 20.41 20.17
CA ASP B 38 17.75 21.59 20.65
C ASP B 38 16.89 21.28 21.89
N TYR B 39 16.35 20.07 21.92
CA TYR B 39 15.46 19.68 23.03
C TYR B 39 16.28 19.39 24.26
N CYS B 40 17.28 18.56 24.09
CA CYS B 40 18.25 18.24 25.09
C CYS B 40 18.94 19.45 25.73
N LYS B 41 19.39 20.37 24.88
CA LYS B 41 20.06 21.56 25.35
C LYS B 41 19.09 22.45 26.14
N LYS B 42 17.81 22.38 25.85
CA LYS B 42 16.85 23.12 26.69
C LYS B 42 16.69 22.45 28.09
N GLU B 43 16.59 21.13 28.07
CA GLU B 43 16.19 20.30 29.24
C GLU B 43 17.34 20.13 30.23
N TRP B 44 18.55 20.17 29.70
CA TRP B 44 19.74 19.67 30.41
C TRP B 44 20.91 20.62 30.31
N ARG B 45 21.05 21.49 31.32
CA ARG B 45 22.07 22.52 31.42
C ARG B 45 23.07 22.22 32.50
N GLY B 46 24.25 22.81 32.36
CA GLY B 46 25.27 22.76 33.40
C GLY B 46 26.09 21.52 33.26
N ASN B 47 26.96 21.26 34.25
CA ASN B 47 28.10 20.31 34.12
C ASN B 47 28.12 19.12 35.10
N THR B 48 27.07 18.95 35.86
CA THR B 48 26.98 17.82 36.78
C THR B 48 27.07 16.48 36.04
N GLN B 49 27.40 15.42 36.76
CA GLN B 49 27.50 14.08 36.21
C GLN B 49 26.20 13.64 35.51
N LYS B 50 25.07 13.93 36.16
CA LYS B 50 23.79 13.50 35.65
C LYS B 50 23.37 14.28 34.39
N ALA B 51 23.60 15.59 34.34
CA ALA B 51 23.35 16.30 33.09
C ALA B 51 24.26 15.79 31.93
N THR B 52 25.52 15.51 32.22
CA THR B 52 26.47 15.09 31.16
C THR B 52 26.04 13.70 30.65
N CYS B 53 25.66 12.84 31.57
CA CYS B 53 25.21 11.51 31.19
C CYS B 53 24.04 11.69 30.22
N MET B 54 23.08 12.54 30.59
CA MET B 54 21.88 12.69 29.79
C MET B 54 22.18 13.25 28.41
N LYS B 55 23.01 14.29 28.35
CA LYS B 55 23.55 14.79 27.10
C LYS B 55 24.17 13.69 26.22
N MET B 56 25.00 12.85 26.76
CA MET B 56 25.50 11.68 25.97
C MET B 56 24.40 10.77 25.44
N GLY B 57 23.33 10.56 26.21
CA GLY B 57 22.24 9.63 25.79
C GLY B 57 21.49 10.25 24.63
N TYR B 58 21.30 11.56 24.72
CA TYR B 58 20.59 12.30 23.66
C TYR B 58 21.44 12.32 22.40
N GLU B 59 22.74 12.46 22.59
CA GLU B 59 23.63 12.38 21.46
C GLU B 59 23.56 11.00 20.82
N GLU B 60 23.52 9.92 21.63
CA GLU B 60 23.36 8.58 21.07
C GLU B 60 22.10 8.46 20.21
N VAL B 61 21.00 9.05 20.73
CA VAL B 61 19.72 8.93 20.08
C VAL B 61 19.76 9.71 18.78
N SER B 62 20.43 10.85 18.79
CA SER B 62 20.56 11.74 17.57
C SER B 62 21.41 11.13 16.44
N GLN B 63 22.14 10.06 16.72
CA GLN B 63 22.85 9.36 15.61
C GLN B 63 21.85 8.70 14.62
N LYS B 64 20.65 8.43 15.10
CA LYS B 64 19.61 7.74 14.29
C LYS B 64 18.35 8.55 14.07
N PHE B 65 18.05 9.47 15.00
CA PHE B 65 16.79 10.16 15.01
C PHE B 65 17.03 11.65 15.10
N THR B 66 16.62 12.44 14.10
CA THR B 66 16.90 13.89 14.19
C THR B 66 15.95 14.68 15.11
N SER B 67 14.73 14.21 15.27
CA SER B 67 13.73 14.94 15.98
C SER B 67 13.15 14.22 17.20
N ILE B 68 12.20 14.86 17.89
CA ILE B 68 11.58 14.30 19.10
C ILE B 68 10.18 14.83 19.27
N ARG B 69 9.28 13.92 19.67
CA ARG B 69 7.92 14.32 20.03
C ARG B 69 7.67 14.10 21.52
N ARG B 70 7.43 15.21 22.21
CA ARG B 70 7.14 15.20 23.61
C ARG B 70 5.76 14.61 23.89
N VAL B 71 5.76 13.52 24.66
CA VAL B 71 4.53 12.80 25.06
C VAL B 71 4.07 13.26 26.45
N ARG B 72 2.80 13.60 26.57
CA ARG B 72 2.24 14.04 27.84
C ARG B 72 2.64 13.12 28.97
N GLY B 73 3.28 13.67 29.99
CA GLY B 73 3.73 12.92 31.16
C GLY B 73 2.69 12.78 32.29
N ASP B 74 1.60 12.14 31.91
CA ASP B 74 0.63 11.58 32.84
C ASP B 74 0.87 10.08 33.00
N ASN B 75 -0.04 9.41 33.72
CA ASN B 75 0.08 7.97 34.05
C ASN B 75 -0.14 7.00 32.85
N TYR B 76 -0.49 7.56 31.68
CA TYR B 76 -0.58 6.86 30.40
C TYR B 76 0.62 7.07 29.45
N SER B 77 1.67 7.75 29.92
CA SER B 77 2.85 8.00 29.10
C SER B 77 3.26 6.80 28.20
N ALA B 78 3.49 5.65 28.83
CA ALA B 78 4.00 4.42 28.16
C ALA B 78 3.10 3.95 27.04
N LEU B 79 1.78 3.99 27.30
CA LEU B 79 0.74 3.62 26.33
C LEU B 79 0.49 4.70 25.25
N ARG B 80 0.42 5.97 25.67
CA ARG B 80 0.34 7.10 24.71
C ARG B 80 1.52 7.04 23.71
N ALA B 81 2.73 7.09 24.23
CA ALA B 81 3.97 6.94 23.44
C ALA B 81 3.99 5.72 22.45
N THR B 82 3.79 4.50 22.94
CA THR B 82 3.69 3.25 22.06
C THR B 82 2.57 3.30 21.04
N LEU B 83 1.39 3.73 21.47
CA LEU B 83 0.24 3.63 20.60
C LEU B 83 0.30 4.67 19.49
N PHE B 84 0.81 5.86 19.82
CA PHE B 84 0.94 6.92 18.85
C PHE B 84 1.96 6.54 17.77
N GLN B 85 3.13 6.00 18.15
CA GLN B 85 4.17 5.66 17.14
C GLN B 85 3.71 4.45 16.40
N ALA B 86 3.11 3.47 17.11
CA ALA B 86 2.47 2.34 16.44
C ALA B 86 1.52 2.77 15.38
N MET B 87 0.64 3.73 15.69
CA MET B 87 -0.43 4.07 14.72
C MET B 87 -0.01 5.03 13.62
N SER B 88 0.96 5.89 13.91
CA SER B 88 1.40 6.87 12.92
C SER B 88 2.36 6.24 11.90
N GLN B 89 2.85 5.05 12.16
CA GLN B 89 3.64 4.36 11.16
C GLN B 89 2.99 3.07 10.64
N ALA B 90 1.71 2.84 10.96
CA ALA B 90 0.94 1.68 10.45
C ALA B 90 0.77 1.70 8.92
N VAL B 91 0.99 0.56 8.27
CA VAL B 91 0.73 0.44 6.81
C VAL B 91 -0.18 -0.72 6.46
N GLY B 92 -0.40 -1.57 7.46
CA GLY B 92 -1.45 -2.57 7.44
C GLY B 92 -2.13 -2.67 8.80
N LEU B 93 -3.31 -3.29 8.80
CA LEU B 93 -4.02 -3.67 9.99
C LEU B 93 -3.47 -5.03 10.43
N PRO B 94 -2.87 -5.08 11.64
CA PRO B 94 -2.28 -6.32 12.13
C PRO B 94 -3.35 -7.38 12.32
N PRO B 95 -3.04 -8.65 12.02
CA PRO B 95 -4.04 -9.70 12.03
C PRO B 95 -4.82 -9.76 13.35
N TRP B 96 -4.15 -9.53 14.48
CA TRP B 96 -4.85 -9.47 15.76
C TRP B 96 -5.92 -8.35 15.82
N LEU B 97 -5.82 -7.34 14.95
CA LEU B 97 -6.83 -6.28 14.96
C LEU B 97 -7.89 -6.53 13.91
N GLN B 98 -7.56 -7.39 12.96
CA GLN B 98 -8.40 -7.66 11.82
C GLN B 98 -9.25 -8.89 12.10
N ASP B 99 -8.86 -9.60 13.15
CA ASP B 99 -9.51 -10.85 13.53
C ASP B 99 -10.91 -10.58 14.06
N PRO B 100 -11.96 -11.02 13.32
CA PRO B 100 -13.32 -10.83 13.79
C PRO B 100 -13.60 -11.51 15.14
N GLU B 101 -12.65 -12.33 15.62
CA GLU B 101 -12.75 -12.88 16.96
C GLU B 101 -12.64 -11.80 18.05
N LEU B 102 -11.92 -10.72 17.75
CA LEU B 102 -11.62 -9.72 18.76
C LEU B 102 -12.86 -8.98 19.25
N MET B 103 -13.77 -8.67 18.33
CA MET B 103 -14.87 -7.77 18.64
C MET B 103 -15.83 -8.53 19.53
N LEU B 104 -15.65 -9.84 19.58
CA LEU B 104 -16.50 -10.74 20.34
C LEU B 104 -15.80 -11.07 21.66
N LEU B 105 -14.61 -10.51 21.86
CA LEU B 105 -13.75 -10.86 22.99
C LEU B 105 -14.29 -10.41 24.35
N PRO B 106 -14.77 -9.16 24.48
CA PRO B 106 -15.33 -8.73 25.78
C PRO B 106 -16.50 -9.56 26.31
N GLU B 107 -17.50 -9.85 25.48
CA GLU B 107 -18.64 -10.71 25.93
C GLU B 107 -18.22 -12.16 26.21
N LYS B 108 -17.23 -12.62 25.43
CA LYS B 108 -16.66 -13.96 25.59
C LYS B 108 -15.89 -14.08 26.88
N LEU B 109 -14.95 -13.15 27.11
CA LEU B 109 -14.11 -13.23 28.30
C LEU B 109 -14.90 -13.05 29.58
N ILE B 110 -15.83 -12.12 29.56
CA ILE B 110 -16.52 -11.63 30.76
C ILE B 110 -17.57 -12.60 31.30
N SER B 111 -18.19 -13.38 30.41
CA SER B 111 -19.02 -14.48 30.89
C SER B 111 -18.20 -15.66 31.44
N LYS B 112 -17.04 -15.95 30.83
CA LYS B 112 -16.19 -17.03 31.31
C LYS B 112 -15.51 -16.69 32.63
N TYR B 113 -15.28 -15.40 32.84
CA TYR B 113 -14.59 -14.85 34.02
C TYR B 113 -15.40 -13.67 34.53
N ASN B 114 -16.23 -13.86 35.55
CA ASN B 114 -17.11 -12.79 36.05
C ASN B 114 -16.36 -11.75 36.89
N TRP B 115 -15.08 -12.05 37.17
CA TRP B 115 -14.26 -11.16 37.98
C TRP B 115 -13.77 -9.94 37.17
N ILE B 116 -14.00 -9.96 35.86
CA ILE B 116 -13.63 -8.82 35.01
C ILE B 116 -14.60 -7.63 35.21
N LYS B 117 -15.68 -7.88 35.95
CA LYS B 117 -16.67 -6.86 36.29
C LYS B 117 -16.09 -5.80 37.23
N GLN B 118 -15.01 -6.13 37.94
CA GLN B 118 -14.31 -5.11 38.77
C GLN B 118 -13.41 -4.16 37.97
N TRP B 119 -13.52 -4.24 36.66
CA TRP B 119 -12.90 -3.28 35.76
C TRP B 119 -13.28 -1.84 36.18
N LYS B 120 -12.27 -1.04 36.57
CA LYS B 120 -12.50 0.38 36.84
C LYS B 120 -12.52 1.10 35.48
N LEU B 121 -13.69 1.63 35.12
CA LEU B 121 -13.83 2.31 33.81
C LEU B 121 -13.37 3.78 33.84
N ASP B 131 -23.09 -2.53 31.78
CA ASP B 131 -22.72 -1.78 30.58
C ASP B 131 -21.19 -1.73 30.40
N LEU B 132 -20.49 -2.75 30.90
CA LEU B 132 -19.06 -2.85 30.72
C LEU B 132 -18.74 -3.41 29.34
N VAL B 133 -19.33 -4.56 29.03
CA VAL B 133 -19.15 -5.25 27.76
C VAL B 133 -19.29 -4.26 26.62
N ASP B 134 -20.38 -3.51 26.63
CA ASP B 134 -20.67 -2.61 25.52
C ASP B 134 -19.58 -1.54 25.37
N LYS B 135 -19.09 -1.02 26.48
CA LYS B 135 -18.12 0.10 26.44
C LYS B 135 -16.70 -0.35 26.05
N ILE B 136 -16.29 -1.54 26.49
CA ILE B 136 -15.06 -2.20 26.04
C ILE B 136 -15.17 -2.59 24.58
N LYS B 137 -16.34 -3.06 24.15
CA LYS B 137 -16.52 -3.36 22.73
C LYS B 137 -16.42 -2.07 21.89
N GLU B 138 -16.98 -0.97 22.41
CA GLU B 138 -16.91 0.30 21.69
C GLU B 138 -15.47 0.72 21.50
N SER B 139 -14.64 0.44 22.51
CA SER B 139 -13.24 0.83 22.53
C SER B 139 -12.42 0.03 21.57
N LEU B 140 -12.72 -1.27 21.45
CA LEU B 140 -11.97 -2.16 20.59
C LEU B 140 -12.37 -1.84 19.16
N THR B 141 -13.68 -1.59 18.95
CA THR B 141 -14.21 -1.08 17.68
C THR B 141 -13.49 0.24 17.28
N LEU B 142 -13.39 1.19 18.22
CA LEU B 142 -12.76 2.47 17.96
C LEU B 142 -11.32 2.17 17.52
N LEU B 143 -10.53 1.51 18.37
CA LEU B 143 -9.15 1.12 18.05
C LEU B 143 -8.91 0.56 16.63
N ARG B 144 -9.69 -0.46 16.27
CA ARG B 144 -9.59 -1.10 14.97
C ARG B 144 -9.94 -0.15 13.82
N LYS B 145 -11.03 0.59 13.98
CA LYS B 145 -11.46 1.60 13.01
C LYS B 145 -10.40 2.70 12.78
N LYS B 146 -9.83 3.23 13.86
CA LYS B 146 -8.82 4.29 13.77
C LYS B 146 -7.52 3.80 13.14
N TRP B 147 -7.03 2.63 13.59
CA TRP B 147 -5.85 1.97 13.01
C TRP B 147 -6.02 1.76 11.51
N ALA B 148 -7.21 1.32 11.08
CA ALA B 148 -7.56 1.02 9.69
C ALA B 148 -7.70 2.23 8.76
N GLY B 149 -8.07 3.38 9.32
CA GLY B 149 -8.16 4.62 8.54
C GLY B 149 -6.75 5.11 8.20
N LEU B 150 -5.87 5.00 9.18
CA LEU B 150 -4.47 5.35 9.05
C LEU B 150 -3.76 4.44 8.07
N ALA B 151 -3.76 3.14 8.36
CA ALA B 151 -3.05 2.16 7.54
C ALA B 151 -3.36 2.23 6.03
N GLU B 152 -4.42 2.95 5.67
CA GLU B 152 -4.85 3.02 4.27
C GLU B 152 -4.45 4.31 3.55
N MET B 153 -4.08 5.33 4.32
CA MET B 153 -3.65 6.62 3.78
C MET B 153 -2.39 6.51 2.93
N ARG B 154 -2.36 7.27 1.84
CA ARG B 154 -1.30 7.16 0.85
C ARG B 154 0.04 7.69 1.34
N THR B 155 0.00 8.81 2.07
CA THR B 155 1.20 9.56 2.43
C THR B 155 1.37 9.54 3.92
N ALA B 156 2.60 9.38 4.40
CA ALA B 156 2.90 9.44 5.84
C ALA B 156 2.65 10.84 6.41
N GLU B 157 2.66 11.84 5.52
CA GLU B 157 2.19 13.19 5.83
C GLU B 157 0.75 13.16 6.36
N ALA B 158 -0.20 12.81 5.50
CA ALA B 158 -1.63 12.79 5.88
C ALA B 158 -1.92 11.87 7.06
N ARG B 159 -1.07 10.87 7.24
CA ARG B 159 -1.25 9.89 8.29
C ARG B 159 -0.91 10.52 9.64
N GLN B 160 -0.03 11.52 9.62
CA GLN B 160 0.28 12.28 10.83
C GLN B 160 -0.81 13.27 11.17
N ILE B 161 -1.35 13.94 10.16
CA ILE B 161 -2.43 14.87 10.43
C ILE B 161 -3.60 14.12 11.07
N ALA B 162 -3.87 12.89 10.64
CA ALA B 162 -4.98 12.13 11.19
C ALA B 162 -4.63 11.70 12.61
N CYS B 163 -3.41 11.25 12.79
CA CYS B 163 -2.92 10.82 14.07
C CYS B 163 -2.90 11.97 15.11
N ASP B 164 -2.29 13.11 14.73
CA ASP B 164 -2.37 14.33 15.54
C ASP B 164 -3.81 14.58 15.98
N GLU B 165 -4.74 14.41 15.05
CA GLU B 165 -6.15 14.73 15.26
C GLU B 165 -6.80 13.77 16.22
N LEU B 166 -6.20 12.59 16.39
CA LEU B 166 -6.70 11.55 17.30
C LEU B 166 -6.16 11.66 18.71
N PHE B 167 -4.91 12.08 18.84
CA PHE B 167 -4.28 12.30 20.16
C PHE B 167 -4.45 13.74 20.65
N THR B 168 -5.68 14.08 21.02
CA THR B 168 -6.01 15.42 21.47
C THR B 168 -6.56 15.48 22.91
N ASN B 169 -6.29 14.47 23.72
CA ASN B 169 -6.79 14.50 25.09
C ASN B 169 -8.32 14.35 25.23
N GLU B 170 -9.05 14.14 24.13
CA GLU B 170 -10.54 13.96 24.17
C GLU B 170 -10.85 12.52 24.52
N ALA B 171 -12.14 12.17 24.67
CA ALA B 171 -12.56 10.80 25.02
C ALA B 171 -11.99 9.66 24.15
N GLU B 172 -11.86 9.87 22.83
CA GLU B 172 -11.35 8.84 21.93
C GLU B 172 -9.96 8.38 22.32
N GLU B 173 -9.05 9.34 22.57
CA GLU B 173 -7.71 9.01 23.02
C GLU B 173 -7.78 8.10 24.23
N TYR B 174 -8.61 8.44 25.21
CA TYR B 174 -8.76 7.64 26.43
C TYR B 174 -9.53 6.32 26.24
N SER B 175 -10.43 6.29 25.26
CA SER B 175 -11.05 5.06 24.86
C SER B 175 -10.00 4.11 24.25
N LEU B 176 -9.08 4.63 23.43
CA LEU B 176 -8.00 3.77 22.92
C LEU B 176 -7.21 2.98 23.98
N TYR B 177 -6.90 3.62 25.11
CA TYR B 177 -6.12 2.99 26.18
C TYR B 177 -6.97 1.99 26.99
N GLU B 178 -8.27 2.22 27.03
CA GLU B 178 -9.11 1.23 27.59
C GLU B 178 -9.01 -0.13 26.82
N ALA B 179 -9.11 -0.06 25.49
CA ALA B 179 -8.85 -1.18 24.56
C ALA B 179 -7.52 -1.87 24.82
N VAL B 180 -6.44 -1.10 24.94
CA VAL B 180 -5.11 -1.63 25.09
C VAL B 180 -4.92 -2.31 26.45
N LYS B 181 -5.37 -1.66 27.53
CA LYS B 181 -5.37 -2.35 28.83
C LYS B 181 -6.13 -3.74 28.77
N PHE B 182 -7.18 -3.81 27.97
CA PHE B 182 -8.04 -4.97 27.96
C PHE B 182 -7.40 -6.13 27.19
N LEU B 183 -6.77 -5.78 26.08
CA LEU B 183 -5.86 -6.66 25.35
C LEU B 183 -4.69 -7.17 26.21
N MET B 184 -4.18 -6.32 27.10
CA MET B 184 -3.20 -6.71 28.11
C MET B 184 -3.77 -7.73 29.08
N LEU B 185 -4.96 -7.45 29.67
CA LEU B 185 -5.69 -8.42 30.47
C LEU B 185 -5.78 -9.74 29.71
N ASN B 186 -6.45 -9.73 28.58
CA ASN B 186 -6.63 -10.93 27.78
C ASN B 186 -5.31 -11.67 27.46
N ARG B 187 -4.28 -10.91 27.13
CA ARG B 187 -3.03 -11.57 26.85
C ARG B 187 -2.55 -12.29 28.12
N ALA B 188 -2.77 -11.64 29.26
CA ALA B 188 -2.25 -12.09 30.54
C ALA B 188 -3.06 -13.29 31.07
N ILE B 189 -4.38 -13.27 30.91
CA ILE B 189 -5.22 -14.48 31.08
C ILE B 189 -4.65 -15.72 30.31
N GLU B 190 -4.41 -15.54 29.02
CA GLU B 190 -3.98 -16.59 28.16
C GLU B 190 -2.64 -17.14 28.62
N LEU B 191 -1.77 -16.21 29.03
CA LEU B 191 -0.42 -16.54 29.48
C LEU B 191 -0.42 -17.25 30.82
N TYR B 192 -1.36 -16.90 31.70
CA TYR B 192 -1.59 -17.67 32.93
C TYR B 192 -2.23 -19.09 32.69
N ASN B 193 -3.12 -19.19 31.69
CA ASN B 193 -3.73 -20.49 31.36
C ASN B 193 -2.67 -21.36 30.70
N ASP B 194 -1.87 -20.76 29.81
CA ASP B 194 -0.79 -21.47 29.16
C ASP B 194 0.20 -22.04 30.16
N LYS B 195 0.48 -21.26 31.20
CA LYS B 195 1.41 -21.74 32.22
C LYS B 195 0.77 -22.79 33.08
N GLU B 196 -0.57 -22.84 33.11
CA GLU B 196 -1.31 -23.93 33.80
C GLU B 196 -1.69 -25.12 32.91
N LYS B 197 -1.33 -25.07 31.63
CA LYS B 197 -1.47 -26.26 30.78
C LYS B 197 -0.11 -26.91 30.68
N GLY B 198 0.90 -26.26 31.28
CA GLY B 198 2.27 -26.79 31.31
C GLY B 198 2.94 -26.51 29.99
N LYS B 199 2.41 -25.52 29.27
CA LYS B 199 2.90 -25.19 27.96
C LYS B 199 3.99 -24.11 28.06
N GLU B 200 4.72 -23.89 26.97
CA GLU B 200 5.78 -22.95 26.94
C GLU B 200 5.17 -21.56 27.05
N VAL B 201 5.78 -20.72 27.88
CA VAL B 201 5.37 -19.35 28.06
C VAL B 201 6.59 -18.46 27.99
N PRO B 202 6.42 -17.20 27.52
CA PRO B 202 7.54 -16.27 27.67
C PRO B 202 7.81 -16.13 29.15
N PHE B 203 9.07 -16.24 29.51
CA PHE B 203 9.49 -16.17 30.90
C PHE B 203 8.96 -14.93 31.67
N PHE B 204 9.03 -13.72 31.08
CA PHE B 204 8.54 -12.50 31.75
C PHE B 204 7.21 -12.76 32.47
N SER B 205 6.37 -13.63 31.90
CA SER B 205 4.99 -13.89 32.35
C SER B 205 4.98 -14.72 33.65
N VAL B 206 6.07 -15.45 33.83
CA VAL B 206 6.37 -16.17 35.05
C VAL B 206 6.67 -15.17 36.16
N LEU B 207 7.35 -14.09 35.85
CA LEU B 207 7.76 -13.14 36.87
C LEU B 207 6.59 -12.15 37.17
N LEU B 208 5.88 -11.77 36.12
CA LEU B 208 4.63 -10.99 36.22
C LEU B 208 3.65 -11.57 37.28
N PHE B 209 3.45 -12.88 37.24
CA PHE B 209 2.54 -13.53 38.15
C PHE B 209 3.25 -14.02 39.44
N ALA B 210 4.53 -13.74 39.58
CA ALA B 210 5.22 -14.01 40.85
C ALA B 210 4.98 -12.93 41.92
N ARG B 211 4.91 -11.66 41.51
CA ARG B 211 4.66 -10.52 42.39
C ARG B 211 3.50 -10.85 43.36
N ASP B 212 3.66 -10.43 44.62
CA ASP B 212 2.68 -10.63 45.67
C ASP B 212 1.25 -10.26 45.26
N THR B 213 1.11 -9.10 44.61
CA THR B 213 -0.20 -8.47 44.39
C THR B 213 -0.71 -8.76 42.99
N SER B 214 -0.02 -9.64 42.27
CA SER B 214 -0.37 -10.02 40.91
C SER B 214 -0.29 -11.55 40.72
N ASN B 215 -0.50 -12.33 41.78
CA ASN B 215 -0.42 -13.80 41.67
C ASN B 215 -1.29 -14.47 40.64
N ASP B 216 -2.38 -13.85 40.24
CA ASP B 216 -3.19 -14.41 39.18
C ASP B 216 -3.84 -13.26 38.40
N PRO B 217 -4.51 -13.59 37.28
CA PRO B 217 -5.04 -12.51 36.44
C PRO B 217 -6.01 -11.59 37.18
N GLY B 218 -6.64 -12.13 38.23
CA GLY B 218 -7.57 -11.39 39.06
C GLY B 218 -6.83 -10.25 39.77
N GLN B 219 -5.72 -10.61 40.41
CA GLN B 219 -4.90 -9.65 41.13
C GLN B 219 -4.32 -8.58 40.26
N LEU B 220 -3.90 -8.95 39.06
CA LEU B 220 -3.32 -8.02 38.10
C LEU B 220 -4.37 -6.96 37.78
N LEU B 221 -5.58 -7.41 37.45
CA LEU B 221 -6.60 -6.45 37.08
C LEU B 221 -6.92 -5.49 38.24
N ARG B 222 -7.06 -6.01 39.45
CA ARG B 222 -7.55 -5.19 40.55
C ARG B 222 -6.47 -4.29 41.15
N ASN B 223 -5.24 -4.82 41.20
CA ASN B 223 -4.09 -4.14 41.81
C ASN B 223 -3.11 -3.45 40.86
N HIS B 224 -3.18 -3.67 39.55
CA HIS B 224 -2.22 -3.05 38.64
C HIS B 224 -2.89 -2.35 37.45
N LEU B 225 -3.67 -3.12 36.66
CA LEU B 225 -4.22 -2.61 35.42
C LEU B 225 -5.26 -1.52 35.66
N ASN B 226 -6.11 -1.69 36.69
CA ASN B 226 -7.09 -0.65 37.07
C ASN B 226 -6.34 0.70 37.39
N GLN B 227 -5.15 0.60 37.95
CA GLN B 227 -4.30 1.75 38.32
C GLN B 227 -3.57 2.43 37.13
N VAL B 228 -3.24 1.67 36.10
CA VAL B 228 -2.62 2.25 34.91
C VAL B 228 -3.41 3.44 34.31
N GLY B 229 -2.76 4.58 34.18
CA GLY B 229 -3.46 5.76 33.75
C GLY B 229 -4.17 6.56 34.84
N HIS B 230 -4.17 6.06 36.07
CA HIS B 230 -4.85 6.71 37.19
C HIS B 230 -3.96 7.08 38.36
N THR B 231 -3.37 6.09 39.04
CA THR B 231 -2.32 6.34 40.08
C THR B 231 -0.90 5.93 39.66
N GLY B 232 -0.75 5.44 38.43
CA GLY B 232 0.57 4.99 37.96
C GLY B 232 0.61 4.55 36.52
N GLY B 233 1.80 4.32 35.99
CA GLY B 233 1.94 3.75 34.65
C GLY B 233 2.28 2.25 34.70
N LEU B 234 3.03 1.81 33.70
CA LEU B 234 3.41 0.42 33.57
C LEU B 234 4.71 0.09 34.22
N GLU B 235 4.74 -0.88 35.13
CA GLU B 235 6.05 -1.42 35.51
C GLU B 235 6.82 -1.99 34.30
N GLN B 236 8.13 -2.26 34.47
CA GLN B 236 8.96 -2.94 33.45
C GLN B 236 8.39 -4.27 32.99
N VAL B 237 8.00 -5.14 33.92
CA VAL B 237 7.40 -6.45 33.54
C VAL B 237 6.13 -6.31 32.69
N GLU B 238 5.46 -5.14 32.77
CA GLU B 238 4.18 -4.95 32.13
C GLU B 238 4.32 -4.26 30.79
N MET B 239 5.43 -3.54 30.61
CA MET B 239 5.95 -3.26 29.27
C MET B 239 6.11 -4.53 28.38
N PHE B 240 6.64 -5.63 28.91
CA PHE B 240 6.53 -6.91 28.16
C PHE B 240 5.08 -7.23 27.80
N LEU B 241 4.18 -7.04 28.75
CA LEU B 241 2.76 -7.40 28.53
C LEU B 241 2.16 -6.52 27.42
N LEU B 242 2.52 -5.24 27.46
CA LEU B 242 2.03 -4.29 26.46
C LEU B 242 2.50 -4.76 25.09
N ALA B 243 3.81 -4.99 24.94
CA ALA B 243 4.39 -5.47 23.69
C ALA B 243 3.77 -6.77 23.14
N TYR B 244 3.41 -7.69 24.03
CA TYR B 244 2.71 -8.92 23.58
C TYR B 244 1.27 -8.70 23.18
N ALA B 245 0.60 -7.79 23.91
CA ALA B 245 -0.82 -7.45 23.68
C ALA B 245 -1.05 -6.83 22.30
N VAL B 246 -0.19 -5.89 21.91
CA VAL B 246 -0.32 -5.19 20.61
C VAL B 246 0.66 -5.73 19.56
N ARG B 247 1.47 -6.73 19.94
CA ARG B 247 2.35 -7.42 18.98
C ARG B 247 3.24 -6.41 18.26
N HIS B 248 4.00 -5.68 19.08
CA HIS B 248 4.92 -4.67 18.64
C HIS B 248 6.11 -4.77 19.58
N THR B 249 7.30 -4.81 19.00
CA THR B 249 8.56 -4.72 19.77
C THR B 249 8.86 -3.27 20.18
N ILE B 250 9.06 -3.07 21.48
CA ILE B 250 9.33 -1.76 21.99
C ILE B 250 10.84 -1.51 22.32
N GLN B 251 11.53 -0.82 21.43
CA GLN B 251 12.95 -0.52 21.59
C GLN B 251 13.08 0.82 22.25
N VAL B 252 13.65 0.83 23.45
CA VAL B 252 13.65 1.97 24.32
C VAL B 252 15.07 2.34 24.72
N TYR B 253 15.44 3.56 24.37
CA TYR B 253 16.64 4.19 24.90
C TYR B 253 16.31 4.61 26.28
N ARG B 254 16.92 3.95 27.25
CA ARG B 254 16.74 4.32 28.59
C ARG B 254 17.90 5.23 29.06
N LEU B 255 17.71 6.53 29.02
CA LEU B 255 18.85 7.46 29.21
C LEU B 255 19.51 7.41 30.57
N SER B 256 18.77 7.00 31.58
CA SER B 256 19.37 6.95 32.90
C SER B 256 20.13 5.69 33.12
N LYS B 257 20.22 4.85 32.08
CA LYS B 257 21.07 3.64 32.09
C LYS B 257 22.22 3.74 31.06
N TYR B 258 22.53 4.98 30.63
CA TYR B 258 23.45 5.21 29.55
C TYR B 258 24.70 4.41 29.65
N ASN B 259 25.40 4.53 30.77
CA ASN B 259 26.68 3.84 30.85
C ASN B 259 26.61 2.37 31.21
N THR B 260 25.49 1.73 30.89
CA THR B 260 25.36 0.30 31.09
C THR B 260 24.81 -0.41 29.84
N GLU B 261 24.76 -1.73 29.93
CA GLU B 261 24.24 -2.62 28.89
C GLU B 261 22.77 -2.42 28.56
N GLU B 262 22.08 -1.69 29.41
CA GLU B 262 20.68 -1.46 29.27
C GLU B 262 20.47 -0.09 28.73
N PHE B 263 21.52 0.57 28.24
CA PHE B 263 21.35 1.86 27.60
C PHE B 263 20.17 1.80 26.63
N ILE B 264 20.02 0.66 25.96
CA ILE B 264 18.84 0.31 25.18
C ILE B 264 18.27 -0.98 25.76
N THR B 265 16.95 -0.95 25.99
CA THR B 265 16.19 -2.08 26.41
C THR B 265 15.12 -2.35 25.35
N VAL B 266 14.87 -3.62 25.08
CA VAL B 266 13.88 -4.05 24.11
C VAL B 266 12.86 -4.96 24.85
N TYR B 267 11.58 -4.60 24.69
CA TYR B 267 10.45 -5.32 25.22
C TYR B 267 9.72 -5.89 24.05
N PRO B 268 9.63 -7.22 23.96
CA PRO B 268 10.30 -8.13 24.85
C PRO B 268 11.71 -8.49 24.32
N THR B 269 12.50 -9.16 25.15
CA THR B 269 13.89 -9.45 24.82
C THR B 269 14.05 -10.10 23.44
N ASP B 270 13.18 -11.07 23.12
CA ASP B 270 13.25 -11.87 21.88
C ASP B 270 11.87 -11.97 21.21
N PRO B 271 11.41 -10.91 20.52
CA PRO B 271 10.11 -11.00 19.88
C PRO B 271 10.20 -11.78 18.59
N PRO B 272 9.03 -12.18 18.03
CA PRO B 272 9.01 -12.67 16.64
C PRO B 272 9.51 -11.58 15.69
N LYS B 273 10.16 -12.00 14.61
CA LYS B 273 10.87 -11.06 13.73
C LYS B 273 9.86 -10.22 12.97
N ASP B 274 8.63 -10.72 12.97
CA ASP B 274 7.55 -10.20 12.15
C ASP B 274 6.85 -9.04 12.82
N TRP B 275 7.17 -8.78 14.09
CA TRP B 275 6.56 -7.63 14.76
C TRP B 275 7.19 -6.29 14.37
N PRO B 276 6.35 -5.34 13.93
CA PRO B 276 6.83 -3.95 13.86
C PRO B 276 7.52 -3.49 15.14
N VAL B 277 8.51 -2.62 14.95
CA VAL B 277 9.30 -2.02 16.01
C VAL B 277 8.82 -0.59 16.24
N VAL B 278 8.71 -0.21 17.50
CA VAL B 278 8.53 1.20 17.89
C VAL B 278 9.71 1.59 18.80
N THR B 279 10.34 2.70 18.48
CA THR B 279 11.45 3.16 19.29
C THR B 279 10.91 4.23 20.20
N LEU B 280 11.46 4.30 21.40
CA LEU B 280 11.05 5.26 22.40
C LEU B 280 12.31 5.65 23.14
N ILE B 281 12.22 6.81 23.82
CA ILE B 281 13.26 7.30 24.71
C ILE B 281 12.67 7.40 26.09
N ALA B 282 13.45 7.13 27.13
CA ALA B 282 13.04 7.40 28.50
C ALA B 282 14.12 7.87 29.46
N GLU B 283 13.88 8.97 30.13
CA GLU B 283 14.77 9.46 31.16
C GLU B 283 14.57 8.69 32.42
N ASP B 284 13.34 8.21 32.63
CA ASP B 284 13.02 7.32 33.73
C ASP B 284 11.94 6.43 33.19
N ASP B 285 11.56 5.41 33.98
CA ASP B 285 10.70 4.35 33.51
C ASP B 285 9.22 4.62 33.60
N ARG B 286 8.91 5.86 33.98
CA ARG B 286 7.52 6.39 34.05
C ARG B 286 7.30 7.42 32.96
N HIS B 287 8.35 7.76 32.20
CA HIS B 287 8.19 8.81 31.19
C HIS B 287 8.86 8.46 29.89
N TYR B 288 8.05 8.36 28.84
CA TYR B 288 8.47 7.96 27.48
C TYR B 288 8.16 9.05 26.48
N ASN B 289 9.10 9.33 25.57
CA ASN B 289 8.87 10.28 24.47
C ASN B 289 9.19 9.54 23.17
N ILE B 290 8.91 10.16 22.03
CA ILE B 290 9.10 9.58 20.72
C ILE B 290 10.17 10.29 19.86
N PRO B 291 11.27 9.58 19.55
CA PRO B 291 12.24 10.04 18.58
C PRO B 291 11.69 9.91 17.16
N VAL B 292 11.90 10.92 16.31
CA VAL B 292 11.40 10.92 14.93
C VAL B 292 12.56 11.08 13.89
N ARG B 293 12.28 10.68 12.65
CA ARG B 293 13.19 10.59 11.45
C ARG B 293 13.81 9.21 11.38
N VAL B 294 12.95 8.20 11.48
CA VAL B 294 13.33 6.79 11.71
C VAL B 294 14.52 6.27 10.91
N GLY C 4 29.94 -19.81 53.04
CA GLY C 4 29.88 -18.59 52.16
C GLY C 4 29.89 -18.92 50.66
N MET C 5 29.04 -18.21 49.90
CA MET C 5 28.78 -18.50 48.48
C MET C 5 28.49 -17.25 47.63
N GLN C 6 28.38 -17.45 46.31
CA GLN C 6 27.86 -16.42 45.40
C GLN C 6 26.48 -16.84 44.89
N ILE C 7 25.65 -15.85 44.57
CA ILE C 7 24.43 -16.09 43.79
C ILE C 7 24.36 -15.10 42.62
N PHE C 8 23.49 -15.37 41.64
CA PHE C 8 23.29 -14.49 40.49
C PHE C 8 21.88 -13.89 40.54
N VAL C 9 21.80 -12.58 40.27
CA VAL C 9 20.54 -11.83 40.23
C VAL C 9 20.33 -11.28 38.82
N LYS C 10 19.34 -11.83 38.11
CA LYS C 10 19.02 -11.37 36.74
C LYS C 10 17.87 -10.38 36.74
N THR C 11 18.00 -9.36 35.93
CA THR C 11 16.90 -8.46 35.61
C THR C 11 16.17 -8.95 34.35
N LEU C 12 15.12 -8.23 33.99
CA LEU C 12 14.25 -8.53 32.86
C LEU C 12 14.93 -8.47 31.52
N THR C 13 15.98 -7.67 31.46
CA THR C 13 16.75 -7.54 30.21
C THR C 13 17.74 -8.69 30.00
N GLY C 14 18.13 -9.33 31.11
CA GLY C 14 19.17 -10.35 31.12
C GLY C 14 20.56 -9.81 31.43
N LYS C 15 20.63 -8.57 31.96
CA LYS C 15 21.82 -8.11 32.68
C LYS C 15 21.89 -8.94 33.94
N THR C 16 23.10 -9.36 34.36
CA THR C 16 23.26 -10.26 35.51
C THR C 16 24.26 -9.79 36.59
N ILE C 17 23.75 -9.57 37.80
CA ILE C 17 24.59 -9.26 38.97
C ILE C 17 25.08 -10.52 39.66
N THR C 18 26.33 -10.49 40.12
CA THR C 18 26.89 -11.54 40.96
C THR C 18 26.99 -11.02 42.38
N LEU C 19 26.35 -11.71 43.32
CA LEU C 19 26.38 -11.30 44.72
C LEU C 19 27.25 -12.21 45.58
N GLU C 20 27.92 -11.61 46.56
CA GLU C 20 28.79 -12.33 47.48
C GLU C 20 28.11 -12.41 48.85
N VAL C 21 27.27 -13.43 49.03
CA VAL C 21 26.42 -13.52 50.22
C VAL C 21 26.71 -14.76 51.09
N GLU C 22 26.46 -14.63 52.39
CA GLU C 22 26.37 -15.79 53.29
C GLU C 22 24.95 -16.37 53.22
N PRO C 23 24.78 -17.65 53.57
CA PRO C 23 23.43 -18.23 53.56
C PRO C 23 22.53 -17.77 54.71
N SER C 24 23.13 -17.16 55.75
CA SER C 24 22.37 -16.57 56.85
C SER C 24 21.86 -15.14 56.56
N ASP C 25 22.30 -14.58 55.43
CA ASP C 25 21.90 -13.23 54.99
C ASP C 25 20.38 -13.09 54.88
N THR C 26 19.86 -11.94 55.30
CA THR C 26 18.44 -11.63 55.14
C THR C 26 18.15 -11.26 53.70
N ILE C 27 16.86 -11.13 53.37
CA ILE C 27 16.43 -10.61 52.08
C ILE C 27 16.59 -9.07 52.09
N GLU C 28 16.55 -8.48 53.29
CA GLU C 28 16.81 -7.05 53.50
C GLU C 28 18.25 -6.71 53.08
N ASN C 29 19.21 -7.44 53.62
CA ASN C 29 20.63 -7.22 53.31
C ASN C 29 20.96 -7.48 51.84
N VAL C 30 20.38 -8.54 51.27
CA VAL C 30 20.56 -8.85 49.85
C VAL C 30 20.12 -7.67 48.95
N LYS C 31 19.00 -7.05 49.31
CA LYS C 31 18.49 -5.86 48.62
C LYS C 31 19.43 -4.65 48.66
N ALA C 32 20.10 -4.46 49.79
CA ALA C 32 21.09 -3.39 49.98
C ALA C 32 22.34 -3.66 49.16
N LYS C 33 22.79 -4.91 49.20
CA LYS C 33 23.88 -5.37 48.36
C LYS C 33 23.58 -5.08 46.90
N ILE C 34 22.31 -5.12 46.53
CA ILE C 34 21.89 -4.80 45.18
C ILE C 34 21.90 -3.26 45.00
N GLN C 35 21.39 -2.54 45.99
CA GLN C 35 21.47 -1.07 46.02
C GLN C 35 22.93 -0.55 45.89
N ASP C 36 23.88 -1.24 46.51
CA ASP C 36 25.30 -0.86 46.44
C ASP C 36 25.86 -0.96 45.00
N LYS C 37 25.74 -2.15 44.39
CA LYS C 37 26.20 -2.38 43.03
C LYS C 37 25.34 -1.63 41.99
N GLU C 38 24.02 -1.72 42.12
CA GLU C 38 23.06 -1.26 41.09
C GLU C 38 22.38 0.09 41.34
N GLY C 39 22.43 0.59 42.58
CA GLY C 39 21.87 1.91 42.88
C GLY C 39 20.35 1.96 42.92
N ILE C 40 19.73 0.80 43.09
CA ILE C 40 18.29 0.66 43.11
C ILE C 40 17.81 0.63 44.56
N PRO C 41 16.89 1.55 44.91
CA PRO C 41 16.28 1.53 46.24
C PRO C 41 15.72 0.14 46.55
N PRO C 42 16.03 -0.37 47.76
CA PRO C 42 15.46 -1.63 48.27
C PRO C 42 13.92 -1.66 48.18
N ASP C 43 13.29 -0.50 48.28
CA ASP C 43 11.84 -0.43 48.25
C ASP C 43 11.22 -0.47 46.85
N GLN C 44 12.03 -0.66 45.82
CA GLN C 44 11.51 -1.01 44.49
C GLN C 44 11.79 -2.45 44.10
N GLN C 45 12.62 -3.09 44.90
CA GLN C 45 13.06 -4.46 44.67
C GLN C 45 11.99 -5.47 45.04
N ARG C 46 11.72 -6.36 44.10
CA ARG C 46 10.91 -7.56 44.32
C ARG C 46 11.98 -8.58 43.95
N LEU C 47 12.17 -9.62 44.76
CA LEU C 47 13.18 -10.66 44.43
C LEU C 47 12.49 -12.00 44.24
N ILE C 48 12.74 -12.65 43.11
CA ILE C 48 11.95 -13.80 42.78
C ILE C 48 12.74 -15.08 42.50
N PHE C 49 12.46 -16.11 43.31
CA PHE C 49 13.14 -17.42 43.21
C PHE C 49 12.14 -18.60 43.24
N ALA C 50 12.23 -19.48 42.24
CA ALA C 50 11.23 -20.53 42.01
C ALA C 50 9.78 -20.00 42.04
N GLY C 51 9.56 -18.96 41.23
CA GLY C 51 8.27 -18.31 41.10
C GLY C 51 7.61 -17.87 42.40
N LYS C 52 8.41 -17.69 43.46
CA LYS C 52 7.94 -17.09 44.71
C LYS C 52 8.70 -15.78 45.00
N GLN C 53 7.95 -14.72 45.31
CA GLN C 53 8.56 -13.50 45.81
C GLN C 53 9.13 -13.80 47.20
N LEU C 54 10.37 -13.36 47.42
CA LEU C 54 11.04 -13.52 48.69
C LEU C 54 10.58 -12.47 49.71
N GLU C 55 10.31 -12.92 50.94
CA GLU C 55 9.84 -12.05 52.01
C GLU C 55 11.01 -11.58 52.87
N ASP C 56 11.11 -10.26 53.02
CA ASP C 56 12.21 -9.56 53.71
C ASP C 56 12.86 -10.26 54.91
N GLY C 57 12.05 -10.63 55.91
CA GLY C 57 12.56 -11.14 57.19
C GLY C 57 12.83 -12.64 57.25
N ARG C 58 12.87 -13.29 56.09
CA ARG C 58 13.22 -14.69 55.96
C ARG C 58 14.65 -14.74 55.41
N THR C 59 15.29 -15.91 55.48
CA THR C 59 16.68 -16.07 55.01
C THR C 59 16.76 -16.74 53.63
N LEU C 60 17.98 -16.82 53.09
CA LEU C 60 18.19 -17.43 51.79
C LEU C 60 18.09 -18.95 51.85
N SER C 61 18.58 -19.54 52.93
CA SER C 61 18.48 -20.99 53.13
C SER C 61 17.03 -21.43 53.33
N ASP C 62 16.16 -20.48 53.71
CA ASP C 62 14.73 -20.73 53.93
C ASP C 62 13.97 -21.08 52.65
N TYR C 63 14.52 -20.66 51.52
CA TYR C 63 13.94 -20.94 50.21
C TYR C 63 14.76 -21.97 49.41
N ASN C 64 15.72 -22.61 50.07
CA ASN C 64 16.69 -23.51 49.41
C ASN C 64 17.51 -22.77 48.34
N ILE C 65 18.06 -21.60 48.71
CA ILE C 65 18.96 -20.85 47.81
C ILE C 65 20.42 -21.27 48.04
N GLN C 66 20.92 -22.09 47.12
CA GLN C 66 22.27 -22.63 47.19
C GLN C 66 23.26 -21.73 46.44
N LYS C 67 24.51 -22.18 46.34
CA LYS C 67 25.50 -21.48 45.52
C LYS C 67 25.06 -21.50 44.06
N GLU C 68 25.48 -20.46 43.32
CA GLU C 68 25.26 -20.34 41.86
C GLU C 68 23.78 -20.20 41.45
N SER C 69 22.88 -20.27 42.43
CA SER C 69 21.44 -20.06 42.23
C SER C 69 21.10 -18.71 41.59
N THR C 70 19.98 -18.68 40.90
CA THR C 70 19.54 -17.50 40.17
C THR C 70 18.22 -16.98 40.71
N LEU C 71 18.25 -15.69 41.09
CA LEU C 71 17.11 -14.94 41.52
C LEU C 71 16.79 -13.85 40.51
N HIS C 72 15.55 -13.37 40.56
CA HIS C 72 15.06 -12.42 39.60
C HIS C 72 14.60 -11.17 40.28
N LEU C 73 14.98 -10.06 39.67
CA LEU C 73 14.59 -8.76 40.16
C LEU C 73 13.46 -8.33 39.25
N VAL C 74 12.26 -8.23 39.81
CA VAL C 74 11.15 -7.63 39.11
C VAL C 74 10.88 -6.33 39.83
N LEU C 75 11.20 -5.22 39.18
CA LEU C 75 11.17 -3.88 39.81
C LEU C 75 9.82 -3.20 39.85
N ARG C 76 9.49 -2.62 41.02
CA ARG C 76 8.39 -1.65 41.20
C ARG C 76 8.74 -0.28 40.64
N LEU C 77 7.74 0.49 40.22
CA LEU C 77 7.99 1.87 39.78
C LEU C 77 8.25 2.84 40.92
N ARG C 78 9.09 3.83 40.61
CA ARG C 78 9.08 5.21 41.20
C ARG C 78 10.37 5.60 41.93
N GLY D 4 -18.29 0.62 -65.17
CA GLY D 4 -18.58 -0.36 -64.08
C GLY D 4 -17.37 -1.26 -63.86
N MET D 5 -16.58 -0.90 -62.85
CA MET D 5 -15.33 -1.56 -62.50
C MET D 5 -15.28 -1.90 -61.01
N GLN D 6 -14.18 -2.49 -60.55
CA GLN D 6 -14.00 -2.78 -59.13
C GLN D 6 -12.81 -2.11 -58.44
N ILE D 7 -12.90 -2.00 -57.12
CA ILE D 7 -11.83 -1.39 -56.30
C ILE D 7 -11.60 -2.24 -55.06
N PHE D 8 -10.42 -2.11 -54.45
CA PHE D 8 -10.12 -2.74 -53.16
C PHE D 8 -10.24 -1.72 -52.04
N VAL D 9 -10.75 -2.16 -50.90
CA VAL D 9 -10.80 -1.32 -49.70
C VAL D 9 -10.19 -2.08 -48.54
N LYS D 10 -8.99 -1.69 -48.15
CA LYS D 10 -8.25 -2.39 -47.10
C LYS D 10 -8.49 -1.72 -45.75
N THR D 11 -8.26 -2.46 -44.68
CA THR D 11 -8.40 -1.93 -43.33
C THR D 11 -7.13 -2.19 -42.54
N LEU D 12 -6.96 -1.45 -41.45
CA LEU D 12 -5.82 -1.60 -40.55
C LEU D 12 -5.23 -2.99 -40.33
N THR D 13 -6.05 -3.98 -40.00
CA THR D 13 -5.52 -5.29 -39.63
C THR D 13 -5.00 -6.14 -40.83
N GLY D 14 -5.62 -5.95 -41.99
CA GLY D 14 -5.20 -6.61 -43.21
C GLY D 14 -6.30 -7.33 -43.96
N LYS D 15 -7.54 -7.17 -43.49
CA LYS D 15 -8.72 -7.70 -44.18
C LYS D 15 -9.05 -6.77 -45.34
N THR D 16 -9.41 -7.34 -46.48
CA THR D 16 -9.58 -6.58 -47.73
C THR D 16 -10.99 -6.72 -48.33
N ILE D 17 -11.64 -5.59 -48.56
CA ILE D 17 -13.01 -5.57 -49.10
C ILE D 17 -13.03 -5.24 -50.61
N THR D 18 -13.72 -6.07 -51.38
CA THR D 18 -13.89 -5.82 -52.82
C THR D 18 -15.27 -5.18 -53.07
N LEU D 19 -15.32 -4.21 -53.98
CA LEU D 19 -16.57 -3.52 -54.27
C LEU D 19 -16.76 -3.35 -55.77
N GLU D 20 -17.96 -3.66 -56.25
CA GLU D 20 -18.38 -3.22 -57.58
C GLU D 20 -18.77 -1.74 -57.51
N VAL D 21 -18.26 -0.96 -58.44
CA VAL D 21 -18.35 0.50 -58.37
C VAL D 21 -18.55 1.12 -59.76
N GLU D 22 -19.00 2.38 -59.77
CA GLU D 22 -19.15 3.17 -60.99
C GLU D 22 -18.50 4.53 -60.73
N PRO D 23 -17.87 5.15 -61.74
CA PRO D 23 -17.17 6.43 -61.52
C PRO D 23 -18.08 7.54 -60.96
N SER D 24 -19.33 7.61 -61.45
CA SER D 24 -20.28 8.62 -60.99
C SER D 24 -20.81 8.40 -59.56
N ASP D 25 -20.43 7.29 -58.93
CA ASP D 25 -20.75 7.04 -57.53
C ASP D 25 -20.17 8.13 -56.65
N THR D 26 -21.06 8.90 -56.02
CA THR D 26 -20.66 9.81 -54.95
C THR D 26 -19.87 9.04 -53.88
N ILE D 27 -19.21 9.72 -52.95
CA ILE D 27 -18.58 9.00 -51.85
C ILE D 27 -19.68 8.38 -50.95
N GLU D 28 -20.74 9.17 -50.69
CA GLU D 28 -21.89 8.68 -49.94
C GLU D 28 -22.32 7.27 -50.41
N ASN D 29 -22.32 7.05 -51.74
CA ASN D 29 -22.72 5.76 -52.31
C ASN D 29 -21.73 4.62 -52.07
N VAL D 30 -20.44 4.94 -52.07
CA VAL D 30 -19.42 3.93 -51.77
C VAL D 30 -19.59 3.45 -50.31
N LYS D 31 -19.87 4.39 -49.41
CA LYS D 31 -20.02 4.10 -47.99
C LYS D 31 -21.26 3.27 -47.76
N ALA D 32 -22.29 3.51 -48.58
CA ALA D 32 -23.53 2.76 -48.57
C ALA D 32 -23.30 1.30 -48.97
N LYS D 33 -22.36 1.06 -49.89
CA LYS D 33 -22.04 -0.30 -50.32
C LYS D 33 -21.17 -1.08 -49.31
N ILE D 34 -20.31 -0.35 -48.57
CA ILE D 34 -19.42 -0.95 -47.54
C ILE D 34 -20.20 -1.55 -46.36
N GLN D 35 -21.28 -0.86 -45.97
CA GLN D 35 -22.13 -1.27 -44.87
C GLN D 35 -22.94 -2.56 -45.21
N ASP D 36 -23.42 -2.63 -46.46
CA ASP D 36 -24.19 -3.78 -46.94
C ASP D 36 -23.35 -5.04 -46.94
N LYS D 37 -22.05 -4.87 -47.13
CA LYS D 37 -21.11 -5.96 -47.32
C LYS D 37 -20.48 -6.35 -45.99
N GLU D 38 -20.35 -5.37 -45.09
CA GLU D 38 -19.50 -5.51 -43.93
C GLU D 38 -20.15 -5.01 -42.65
N GLY D 39 -21.35 -4.44 -42.75
CA GLY D 39 -22.16 -4.09 -41.58
C GLY D 39 -21.72 -2.85 -40.82
N ILE D 40 -20.83 -2.05 -41.44
CA ILE D 40 -20.20 -0.85 -40.86
C ILE D 40 -21.02 0.43 -41.15
N PRO D 41 -21.60 1.04 -40.12
CA PRO D 41 -22.38 2.26 -40.40
C PRO D 41 -21.62 3.36 -41.21
N PRO D 42 -22.29 4.00 -42.20
CA PRO D 42 -21.64 5.03 -43.03
C PRO D 42 -21.10 6.22 -42.24
N ASP D 43 -21.64 6.46 -41.04
CA ASP D 43 -21.19 7.61 -40.24
C ASP D 43 -19.96 7.29 -39.39
N GLN D 44 -19.48 6.06 -39.53
CA GLN D 44 -18.30 5.61 -38.81
C GLN D 44 -17.10 5.45 -39.77
N GLN D 45 -17.36 5.65 -41.06
CA GLN D 45 -16.35 5.40 -42.09
C GLN D 45 -15.51 6.60 -42.47
N ARG D 46 -14.23 6.35 -42.73
CA ARG D 46 -13.38 7.35 -43.42
C ARG D 46 -12.65 6.59 -44.51
N LEU D 47 -12.69 7.11 -45.72
CA LEU D 47 -12.06 6.46 -46.86
C LEU D 47 -10.87 7.25 -47.30
N ILE D 48 -9.72 6.58 -47.38
CA ILE D 48 -8.47 7.26 -47.71
C ILE D 48 -7.92 6.79 -49.06
N PHE D 49 -7.65 7.75 -49.97
CA PHE D 49 -6.97 7.47 -51.25
C PHE D 49 -5.83 8.44 -51.48
N ALA D 50 -4.64 7.88 -51.70
CA ALA D 50 -3.42 8.66 -51.95
C ALA D 50 -3.16 9.69 -50.84
N GLY D 51 -3.50 9.30 -49.61
CA GLY D 51 -3.19 10.11 -48.44
C GLY D 51 -4.26 11.10 -48.03
N LYS D 52 -5.35 11.21 -48.80
CA LYS D 52 -6.40 12.19 -48.51
C LYS D 52 -7.75 11.60 -48.12
N GLN D 53 -8.52 12.37 -47.34
CA GLN D 53 -9.86 11.94 -46.95
C GLN D 53 -10.87 12.32 -48.01
N LEU D 54 -11.67 11.33 -48.41
CA LEU D 54 -12.61 11.51 -49.49
C LEU D 54 -13.93 12.05 -48.96
N GLU D 55 -14.46 13.04 -49.68
CA GLU D 55 -15.59 13.88 -49.25
C GLU D 55 -16.93 13.44 -49.84
N ASP D 56 -17.93 13.28 -48.96
CA ASP D 56 -19.22 12.59 -49.21
C ASP D 56 -19.98 12.79 -50.55
N GLY D 57 -20.16 14.04 -50.97
CA GLY D 57 -20.94 14.36 -52.16
C GLY D 57 -20.13 14.60 -53.43
N ARG D 58 -18.83 14.30 -53.36
CA ARG D 58 -17.97 14.22 -54.53
C ARG D 58 -18.16 12.84 -55.17
N THR D 59 -17.81 12.72 -56.44
CA THR D 59 -17.92 11.45 -57.16
C THR D 59 -16.64 10.64 -56.97
N LEU D 60 -16.44 9.57 -57.75
CA LEU D 60 -15.14 8.88 -57.77
C LEU D 60 -14.29 9.35 -58.94
N SER D 61 -14.95 9.80 -60.02
CA SER D 61 -14.29 10.44 -61.15
C SER D 61 -13.87 11.88 -60.82
N ASP D 62 -13.82 12.19 -59.54
CA ASP D 62 -13.30 13.47 -59.05
C ASP D 62 -11.95 13.26 -58.41
N TYR D 63 -11.69 12.02 -57.99
CA TYR D 63 -10.42 11.66 -57.38
C TYR D 63 -9.57 10.77 -58.29
N ASN D 64 -9.85 10.79 -59.59
CA ASN D 64 -9.24 9.84 -60.52
C ASN D 64 -9.05 8.47 -59.87
N ILE D 65 -10.15 7.87 -59.42
CA ILE D 65 -10.12 6.54 -58.82
C ILE D 65 -10.38 5.53 -59.92
N GLN D 66 -9.41 4.63 -60.13
CA GLN D 66 -9.43 3.70 -61.25
C GLN D 66 -9.74 2.26 -60.78
N LYS D 67 -10.16 1.41 -61.73
CA LYS D 67 -10.20 -0.03 -61.50
C LYS D 67 -8.92 -0.51 -60.83
N GLU D 68 -9.06 -1.43 -59.89
CA GLU D 68 -7.94 -1.97 -59.11
C GLU D 68 -7.39 -0.93 -58.15
N SER D 69 -8.06 0.23 -58.04
CA SER D 69 -7.71 1.22 -57.02
C SER D 69 -7.91 0.63 -55.62
N THR D 70 -6.99 0.94 -54.73
CA THR D 70 -7.05 0.46 -53.38
C THR D 70 -7.20 1.69 -52.51
N LEU D 71 -8.30 1.72 -51.78
CA LEU D 71 -8.56 2.79 -50.83
C LEU D 71 -8.28 2.23 -49.45
N HIS D 72 -8.41 3.06 -48.44
CA HIS D 72 -8.18 2.60 -47.09
C HIS D 72 -9.34 3.05 -46.20
N LEU D 73 -9.89 2.12 -45.41
CA LEU D 73 -10.93 2.52 -44.45
C LEU D 73 -10.23 2.86 -43.13
N VAL D 74 -10.62 4.00 -42.56
CA VAL D 74 -10.14 4.39 -41.24
C VAL D 74 -11.35 4.78 -40.42
N LEU D 75 -11.68 3.98 -39.44
CA LEU D 75 -12.95 4.09 -38.75
C LEU D 75 -12.99 4.96 -37.49
N ARG D 76 -14.09 5.69 -37.35
CA ARG D 76 -14.46 6.37 -36.12
C ARG D 76 -14.99 5.34 -35.08
N LEU D 77 -14.94 5.71 -33.81
CA LEU D 77 -15.70 5.04 -32.78
C LEU D 77 -17.15 5.53 -32.85
N ARG D 78 -18.09 4.59 -32.73
CA ARG D 78 -19.53 4.91 -32.70
C ARG D 78 -19.90 6.03 -31.68
S SO4 E . -17.70 -0.09 -31.97
O1 SO4 E . -17.95 0.33 -33.33
O2 SO4 E . -17.15 0.95 -31.07
O3 SO4 E . -16.73 -1.19 -32.00
O4 SO4 E . -18.97 -0.56 -31.38
#